data_1O28
#
_entry.id   1O28
#
_cell.length_a   54.390
_cell.length_b   116.709
_cell.length_c   141.003
_cell.angle_alpha   90.00
_cell.angle_beta   90.00
_cell.angle_gamma   90.00
#
_symmetry.space_group_name_H-M   'P 21 21 21'
#
loop_
_entity.id
_entity.type
_entity.pdbx_description
1 polymer 'Thymidylate synthase thyX'
2 non-polymer "5-FLUORO-2'-DEOXYURIDINE-5'-MONOPHOSPHATE"
3 non-polymer '4-(2-HYDROXYETHYL)-1-PIPERAZINE ETHANESULFONIC ACID'
4 non-polymer 'TRIETHYLENE GLYCOL'
5 water water
#
_entity_poly.entity_id   1
_entity_poly.type   'polypeptide(L)'
_entity_poly.pdbx_seq_one_letter_code
;MGSDKIHHHHHHMKIDILDKGFVELVDVMGNDLSAVRAARVSFDMGLKDEERDRHLIEYLMKHGHETPFEHIVFTFHVKA
PIFVARQWFRHRIASYNELSGRYSKLSYEFYIPSPERLEGYKTTIPPERVTEKISEIVDKAYRTYLELIESGVPREVARI
VLPLNLYTRFFWTVNARSLMNFLNLRADSHAQWEIQQYALAIARIFKEKCPWTFEAFLKYAYKGDILKEVQV
;
_entity_poly.pdbx_strand_id   A,B,C,D
#
# COMPACT_ATOMS: atom_id res chain seq x y z
N HIS A 10 23.04 13.95 1.58
CA HIS A 10 21.99 13.20 2.31
C HIS A 10 22.59 12.16 3.24
N HIS A 11 23.21 12.62 4.32
CA HIS A 11 23.85 11.72 5.27
C HIS A 11 23.46 11.95 6.72
N HIS A 12 23.50 13.20 7.18
CA HIS A 12 23.14 13.43 8.58
C HIS A 12 22.67 14.81 9.01
N MET A 13 21.66 14.78 9.88
CA MET A 13 21.04 15.97 10.44
C MET A 13 20.26 15.55 11.68
N LYS A 14 20.15 16.45 12.65
CA LYS A 14 19.41 16.15 13.86
C LYS A 14 18.81 17.42 14.44
N ILE A 15 17.53 17.36 14.75
CA ILE A 15 16.82 18.49 15.31
C ILE A 15 16.16 18.03 16.59
N ASP A 16 16.24 18.83 17.65
CA ASP A 16 15.63 18.47 18.92
C ASP A 16 14.22 19.04 18.97
N ILE A 17 13.27 18.20 19.41
CA ILE A 17 11.86 18.59 19.48
C ILE A 17 11.35 18.42 20.89
N LEU A 18 10.46 19.32 21.30
CA LEU A 18 9.88 19.27 22.64
C LEU A 18 11.02 19.31 23.65
N ASP A 19 10.81 18.72 24.83
CA ASP A 19 11.84 18.75 25.85
C ASP A 19 12.92 17.66 25.77
N LYS A 20 12.57 16.48 25.27
CA LYS A 20 13.55 15.40 25.19
C LYS A 20 13.52 14.65 23.85
N GLY A 21 12.76 15.16 22.89
CA GLY A 21 12.66 14.47 21.61
C GLY A 21 13.58 14.97 20.53
N PHE A 22 13.52 14.32 19.38
CA PHE A 22 14.34 14.70 18.23
C PHE A 22 13.93 13.97 16.96
N VAL A 23 14.38 14.53 15.85
CA VAL A 23 14.17 13.98 14.52
C VAL A 23 15.57 13.96 13.93
N GLU A 24 16.05 12.78 13.57
CA GLU A 24 17.38 12.63 13.02
C GLU A 24 17.37 11.93 11.66
N LEU A 25 17.99 12.56 10.66
CA LEU A 25 18.07 11.98 9.33
C LEU A 25 19.17 10.92 9.35
N VAL A 26 18.81 9.68 9.04
CA VAL A 26 19.76 8.58 9.03
C VAL A 26 20.33 8.31 7.63
N ASP A 27 19.49 8.40 6.61
CA ASP A 27 19.94 8.13 5.25
C ASP A 27 18.98 8.73 4.23
N VAL A 28 19.42 8.78 2.98
CA VAL A 28 18.62 9.33 1.90
C VAL A 28 19.02 8.68 0.59
N MET A 29 18.05 8.56 -0.32
CA MET A 29 18.33 8.00 -1.63
C MET A 29 17.78 8.98 -2.64
N GLY A 30 18.66 9.47 -3.49
CA GLY A 30 18.23 10.40 -4.51
C GLY A 30 18.18 11.85 -4.10
N ASN A 31 17.79 12.69 -5.04
CA ASN A 31 17.69 14.12 -4.83
C ASN A 31 16.67 14.62 -5.86
N ASP A 32 16.57 15.94 -6.02
CA ASP A 32 15.62 16.50 -6.96
C ASP A 32 15.72 15.87 -8.36
N LEU A 33 16.95 15.62 -8.80
CA LEU A 33 17.17 15.04 -10.13
C LEU A 33 16.62 13.63 -10.26
N SER A 34 16.43 12.95 -9.12
CA SER A 34 15.89 11.59 -9.15
C SER A 34 14.47 11.63 -9.72
N ALA A 35 13.73 12.69 -9.39
CA ALA A 35 12.36 12.83 -9.88
C ALA A 35 12.39 13.27 -11.33
N VAL A 36 13.36 14.11 -11.68
CA VAL A 36 13.48 14.58 -13.06
C VAL A 36 13.68 13.40 -13.99
N ARG A 37 14.60 12.52 -13.64
CA ARG A 37 14.90 11.34 -14.45
C ARG A 37 13.69 10.45 -14.63
N ALA A 38 13.02 10.13 -13.52
CA ALA A 38 11.86 9.25 -13.56
C ALA A 38 10.76 9.83 -14.44
N ALA A 39 10.52 11.13 -14.33
CA ALA A 39 9.49 11.79 -15.12
C ALA A 39 9.81 11.84 -16.61
N ARG A 40 11.09 12.08 -16.95
CA ARG A 40 11.53 12.15 -18.34
C ARG A 40 11.38 10.84 -19.10
N VAL A 41 11.50 9.72 -18.40
CA VAL A 41 11.39 8.43 -19.05
C VAL A 41 10.08 8.31 -19.83
N SER A 42 9.02 8.91 -19.31
CA SER A 42 7.71 8.85 -19.98
C SER A 42 7.77 9.47 -21.37
N PHE A 43 8.58 10.52 -21.52
CA PHE A 43 8.75 11.17 -22.81
C PHE A 43 9.96 10.60 -23.52
N ASP A 44 10.49 9.51 -22.98
CA ASP A 44 11.64 8.85 -23.57
C ASP A 44 12.89 9.73 -23.55
N MET A 45 12.97 10.62 -22.57
CA MET A 45 14.12 11.52 -22.43
C MET A 45 14.83 11.30 -21.10
N GLY A 46 15.81 12.17 -20.83
CA GLY A 46 16.55 12.08 -19.59
C GLY A 46 16.75 13.46 -19.01
N LEU A 47 17.90 13.68 -18.38
CA LEU A 47 18.21 14.97 -17.80
C LEU A 47 18.60 15.98 -18.88
N LYS A 48 18.29 17.24 -18.64
CA LYS A 48 18.62 18.31 -19.57
C LYS A 48 19.60 19.22 -18.83
N ASP A 49 19.23 20.49 -18.65
CA ASP A 49 20.07 21.43 -17.93
C ASP A 49 19.36 21.82 -16.64
N GLU A 50 20.08 22.49 -15.74
CA GLU A 50 19.49 22.91 -14.49
C GLU A 50 18.20 23.69 -14.69
N GLU A 51 18.20 24.58 -15.68
CA GLU A 51 17.04 25.39 -15.95
C GLU A 51 15.80 24.61 -16.37
N ARG A 52 15.96 23.74 -17.37
CA ARG A 52 14.86 22.93 -17.87
C ARG A 52 14.42 21.89 -16.85
N ASP A 53 15.39 21.27 -16.18
CA ASP A 53 15.08 20.25 -15.20
C ASP A 53 14.33 20.84 -14.01
N ARG A 54 14.78 21.99 -13.52
CA ARG A 54 14.10 22.62 -12.40
C ARG A 54 12.69 23.05 -12.82
N HIS A 55 12.56 23.40 -14.08
CA HIS A 55 11.26 23.83 -14.61
C HIS A 55 10.28 22.65 -14.60
N LEU A 56 10.80 21.46 -14.88
CA LEU A 56 10.00 20.25 -14.92
C LEU A 56 9.44 19.95 -13.53
N ILE A 57 10.27 20.10 -12.51
CA ILE A 57 9.85 19.84 -11.15
C ILE A 57 8.66 20.70 -10.75
N GLU A 58 8.69 21.98 -11.11
CA GLU A 58 7.58 22.87 -10.79
C GLU A 58 6.36 22.47 -11.61
N TYR A 59 6.62 22.01 -12.83
CA TYR A 59 5.55 21.57 -13.74
C TYR A 59 4.84 20.35 -13.15
N LEU A 60 5.62 19.39 -12.66
CA LEU A 60 5.08 18.17 -12.06
C LEU A 60 4.22 18.52 -10.86
N MET A 61 4.74 19.40 -10.01
CA MET A 61 4.05 19.81 -8.81
C MET A 61 2.74 20.52 -9.16
N LYS A 62 2.80 21.45 -10.11
CA LYS A 62 1.62 22.20 -10.53
C LYS A 62 0.45 21.32 -10.98
N HIS A 63 0.73 20.33 -11.81
CA HIS A 63 -0.32 19.47 -12.32
C HIS A 63 -0.55 18.21 -11.50
N GLY A 64 0.07 18.13 -10.34
CA GLY A 64 -0.12 16.97 -9.48
C GLY A 64 0.43 15.65 -9.99
N HIS A 65 1.56 15.68 -10.69
CA HIS A 65 2.18 14.45 -11.16
C HIS A 65 3.15 14.06 -10.03
N GLU A 66 2.60 13.32 -9.06
CA GLU A 66 3.33 12.92 -7.87
C GLU A 66 4.20 11.66 -7.89
N THR A 67 3.99 10.79 -8.88
CA THR A 67 4.76 9.55 -8.93
C THR A 67 6.28 9.72 -9.03
N PRO A 68 6.75 10.71 -9.81
CA PRO A 68 8.21 10.90 -9.92
C PRO A 68 8.93 11.10 -8.58
N PHE A 69 8.24 11.76 -7.64
CA PHE A 69 8.82 12.03 -6.34
C PHE A 69 8.90 10.83 -5.41
N GLU A 70 8.31 9.71 -5.82
CA GLU A 70 8.35 8.49 -5.00
C GLU A 70 9.74 7.85 -5.08
N HIS A 71 10.54 8.30 -6.04
CA HIS A 71 11.89 7.77 -6.21
C HIS A 71 12.93 8.43 -5.29
N ILE A 72 12.46 9.35 -4.46
CA ILE A 72 13.31 10.03 -3.48
C ILE A 72 12.88 9.41 -2.16
N VAL A 73 13.81 8.80 -1.44
CA VAL A 73 13.48 8.12 -0.20
C VAL A 73 14.32 8.56 1.00
N PHE A 74 13.67 8.65 2.17
CA PHE A 74 14.34 9.07 3.40
C PHE A 74 14.19 8.06 4.51
N THR A 75 15.15 8.05 5.42
CA THR A 75 15.09 7.20 6.60
C THR A 75 15.36 8.11 7.81
N PHE A 76 14.38 8.23 8.69
CA PHE A 76 14.52 9.06 9.89
C PHE A 76 14.57 8.19 11.14
N HIS A 77 15.16 8.75 12.20
CA HIS A 77 15.25 8.09 13.49
C HIS A 77 14.59 9.11 14.39
N VAL A 78 13.42 8.76 14.92
CA VAL A 78 12.65 9.69 15.73
C VAL A 78 12.43 9.30 17.18
N LYS A 79 12.51 10.28 18.06
CA LYS A 79 12.23 10.05 19.47
C LYS A 79 11.07 10.97 19.80
N ALA A 80 9.93 10.40 20.20
CA ALA A 80 8.74 11.20 20.49
C ALA A 80 7.77 10.49 21.43
N PRO A 81 6.89 11.26 22.09
CA PRO A 81 5.90 10.66 23.01
C PRO A 81 4.92 9.80 22.24
N ILE A 82 4.40 8.79 22.91
CA ILE A 82 3.46 7.86 22.28
C ILE A 82 2.22 8.52 21.68
N PHE A 83 1.64 9.52 22.35
CA PHE A 83 0.46 10.14 21.77
C PHE A 83 0.78 10.79 20.42
N VAL A 84 2.04 11.21 20.23
CA VAL A 84 2.45 11.78 18.94
C VAL A 84 2.71 10.63 17.96
N ALA A 85 3.40 9.59 18.43
CA ALA A 85 3.68 8.43 17.58
C ALA A 85 2.40 7.78 17.05
N ARG A 86 1.36 7.69 17.88
CA ARG A 86 0.10 7.07 17.44
C ARG A 86 -0.49 7.82 16.25
N GLN A 87 -0.36 9.14 16.26
CA GLN A 87 -0.86 9.98 15.17
C GLN A 87 0.02 9.79 13.95
N TRP A 88 1.33 9.78 14.19
CA TRP A 88 2.33 9.63 13.14
C TRP A 88 2.17 8.31 12.38
N PHE A 89 2.06 7.22 13.12
CA PHE A 89 1.93 5.88 12.54
C PHE A 89 0.66 5.64 11.71
N ARG A 90 -0.28 6.57 11.72
CA ARG A 90 -1.49 6.41 10.92
C ARG A 90 -1.15 6.53 9.43
N HIS A 91 0.02 7.10 9.13
CA HIS A 91 0.47 7.27 7.75
C HIS A 91 0.98 5.91 7.25
N ARG A 92 0.11 5.22 6.53
CA ARG A 92 0.35 3.87 6.02
C ARG A 92 1.38 3.65 4.91
N ILE A 93 1.60 4.65 4.06
CA ILE A 93 2.57 4.49 2.97
C ILE A 93 3.97 4.88 3.45
N ALA A 94 4.49 4.06 4.35
CA ALA A 94 5.81 4.24 4.95
C ALA A 94 6.16 2.98 5.74
N SER A 95 7.42 2.89 6.17
CA SER A 95 7.88 1.74 6.93
C SER A 95 8.31 2.16 8.34
N TYR A 96 8.08 1.29 9.31
CA TYR A 96 8.41 1.60 10.69
C TYR A 96 9.01 0.42 11.46
N ASN A 97 9.71 0.77 12.54
CA ASN A 97 10.29 -0.18 13.47
C ASN A 97 10.43 0.69 14.73
N GLU A 98 9.80 0.25 15.81
CA GLU A 98 9.77 1.01 17.03
C GLU A 98 10.20 0.24 18.28
N LEU A 99 10.68 1.00 19.27
CA LEU A 99 11.10 0.47 20.56
C LEU A 99 9.94 -0.39 21.09
N SER A 100 10.24 -1.58 21.58
CA SER A 100 9.20 -2.49 22.09
C SER A 100 9.05 -2.50 23.60
N GLY A 101 7.85 -2.17 24.06
CA GLY A 101 7.56 -2.17 25.49
C GLY A 101 7.41 -3.57 26.05
N ARG A 102 7.25 -4.57 25.20
CA ARG A 102 7.15 -5.91 25.73
C ARG A 102 8.49 -6.62 25.76
N TYR A 103 9.47 -6.08 25.04
CA TYR A 103 10.79 -6.70 25.02
C TYR A 103 11.88 -5.96 25.80
N SER A 104 11.73 -4.66 26.00
CA SER A 104 12.75 -3.95 26.76
C SER A 104 12.21 -3.13 27.93
N LYS A 105 13.10 -2.85 28.88
CA LYS A 105 12.74 -2.05 30.05
C LYS A 105 12.79 -0.61 29.61
N LEU A 106 11.66 0.07 29.70
CA LEU A 106 11.57 1.46 29.27
C LEU A 106 12.21 2.42 30.26
N SER A 107 12.79 3.49 29.72
CA SER A 107 13.45 4.50 30.54
C SER A 107 12.55 5.61 31.05
N TYR A 108 12.98 6.24 32.13
CA TYR A 108 12.24 7.33 32.73
C TYR A 108 12.38 8.59 31.87
N GLU A 109 11.61 8.64 30.80
CA GLU A 109 11.63 9.79 29.91
C GLU A 109 10.20 10.05 29.48
N PHE A 110 9.68 11.21 29.90
CA PHE A 110 8.32 11.60 29.57
C PHE A 110 8.30 13.02 29.08
N TYR A 111 7.34 13.31 28.21
CA TYR A 111 7.17 14.66 27.70
C TYR A 111 6.42 15.49 28.71
N ILE A 112 7.08 16.50 29.27
CA ILE A 112 6.43 17.38 30.22
C ILE A 112 6.18 18.71 29.53
N PRO A 113 4.91 19.05 29.29
CA PRO A 113 4.61 20.32 28.63
C PRO A 113 5.15 21.49 29.45
N SER A 114 5.58 22.54 28.77
CA SER A 114 6.08 23.74 29.45
C SER A 114 4.87 24.63 29.73
N PRO A 115 4.97 25.53 30.72
CA PRO A 115 3.86 26.42 31.05
C PRO A 115 3.34 27.20 29.84
N GLU A 116 4.24 27.52 28.93
CA GLU A 116 3.90 28.28 27.73
C GLU A 116 2.99 27.49 26.79
N ARG A 117 2.99 26.16 26.93
CA ARG A 117 2.14 25.33 26.07
C ARG A 117 0.68 25.68 26.30
N LEU A 118 0.41 26.36 27.42
CA LEU A 118 -0.96 26.76 27.74
C LEU A 118 -1.27 28.21 27.39
N GLU A 119 -0.31 28.89 26.78
CA GLU A 119 -0.48 30.27 26.37
C GLU A 119 -1.78 30.42 25.59
N GLY A 120 -2.61 31.38 26.01
CA GLY A 120 -3.87 31.60 25.33
C GLY A 120 -5.03 30.94 26.07
N TYR A 121 -4.71 30.01 26.96
CA TYR A 121 -5.72 29.30 27.73
C TYR A 121 -5.74 29.78 29.17
N LYS A 122 -6.82 30.45 29.57
CA LYS A 122 -6.94 30.91 30.94
C LYS A 122 -7.35 29.70 31.78
N THR A 123 -6.43 29.23 32.61
CA THR A 123 -6.70 28.07 33.45
C THR A 123 -6.88 28.47 34.92
N THR A 124 -7.63 27.64 35.65
CA THR A 124 -7.89 27.88 37.07
C THR A 124 -6.58 27.94 37.85
N ILE A 125 -5.76 26.89 37.72
CA ILE A 125 -4.49 26.85 38.42
C ILE A 125 -3.38 27.34 37.52
N PRO A 126 -2.32 27.90 38.11
CA PRO A 126 -1.19 28.40 37.32
C PRO A 126 -0.64 27.33 36.38
N PRO A 127 -0.13 27.73 35.21
CA PRO A 127 0.42 26.76 34.27
C PRO A 127 1.50 25.90 34.92
N GLU A 128 2.32 26.54 35.75
CA GLU A 128 3.39 25.84 36.46
C GLU A 128 2.77 24.70 37.25
N ARG A 129 1.59 24.96 37.82
CA ARG A 129 0.88 23.96 38.60
C ARG A 129 0.52 22.77 37.72
N VAL A 130 0.06 23.06 36.51
CA VAL A 130 -0.31 22.01 35.56
C VAL A 130 0.92 21.18 35.23
N THR A 131 2.01 21.85 34.88
CA THR A 131 3.27 21.19 34.57
C THR A 131 3.67 20.27 35.73
N GLU A 132 3.58 20.80 36.95
CA GLU A 132 3.94 20.05 38.14
C GLU A 132 3.04 18.83 38.34
N LYS A 133 1.73 18.98 38.14
CA LYS A 133 0.80 17.88 38.32
C LYS A 133 1.01 16.76 37.30
N ILE A 134 1.46 17.11 36.10
CA ILE A 134 1.72 16.12 35.07
C ILE A 134 2.97 15.34 35.46
N SER A 135 3.98 16.05 35.97
CA SER A 135 5.23 15.42 36.39
C SER A 135 4.94 14.43 37.50
N GLU A 136 4.10 14.84 38.45
CA GLU A 136 3.75 13.99 39.59
C GLU A 136 3.10 12.68 39.19
N ILE A 137 2.05 12.75 38.38
CA ILE A 137 1.36 11.54 37.96
C ILE A 137 2.34 10.64 37.20
N VAL A 138 3.13 11.24 36.33
CA VAL A 138 4.13 10.51 35.54
C VAL A 138 5.11 9.77 36.45
N ASP A 139 5.58 10.46 37.48
CA ASP A 139 6.52 9.86 38.42
C ASP A 139 5.90 8.67 39.14
N LYS A 140 4.64 8.82 39.55
CA LYS A 140 3.94 7.75 40.26
C LYS A 140 3.77 6.51 39.38
N ALA A 141 3.31 6.73 38.16
CA ALA A 141 3.10 5.64 37.22
C ALA A 141 4.40 4.89 36.96
N TYR A 142 5.47 5.63 36.72
CA TYR A 142 6.75 5.00 36.43
C TYR A 142 7.28 4.20 37.61
N ARG A 143 7.07 4.69 38.83
CA ARG A 143 7.55 3.97 40.01
C ARG A 143 6.74 2.68 40.14
N THR A 144 5.46 2.72 39.83
CA THR A 144 4.64 1.52 39.90
C THR A 144 5.18 0.53 38.86
N TYR A 145 5.51 1.05 37.68
CA TYR A 145 6.04 0.23 36.60
C TYR A 145 7.32 -0.49 37.07
N LEU A 146 8.28 0.25 37.59
CA LEU A 146 9.53 -0.36 38.05
C LEU A 146 9.29 -1.41 39.12
N GLU A 147 8.30 -1.15 39.97
CA GLU A 147 7.96 -2.05 41.05
C GLU A 147 7.40 -3.37 40.53
N LEU A 148 6.49 -3.30 39.55
CA LEU A 148 5.92 -4.51 38.98
C LEU A 148 6.99 -5.33 38.26
N ILE A 149 7.84 -4.64 37.51
CA ILE A 149 8.91 -5.33 36.79
C ILE A 149 9.85 -6.02 37.78
N GLU A 150 10.25 -5.29 38.81
CA GLU A 150 11.14 -5.81 39.84
C GLU A 150 10.53 -7.03 40.55
N SER A 151 9.20 -7.06 40.65
CA SER A 151 8.52 -8.16 41.32
C SER A 151 8.23 -9.35 40.41
N GLY A 152 8.81 -9.35 39.21
CA GLY A 152 8.60 -10.45 38.29
C GLY A 152 7.47 -10.31 37.27
N VAL A 153 6.73 -9.21 37.31
CA VAL A 153 5.64 -9.02 36.36
C VAL A 153 6.20 -8.83 34.94
N PRO A 154 5.66 -9.60 33.97
CA PRO A 154 6.12 -9.50 32.57
C PRO A 154 6.13 -8.06 32.07
N ARG A 155 7.18 -7.67 31.34
CA ARG A 155 7.30 -6.32 30.81
C ARG A 155 6.07 -5.84 30.05
N GLU A 156 5.52 -6.70 29.21
CA GLU A 156 4.35 -6.37 28.40
C GLU A 156 3.12 -6.05 29.23
N VAL A 157 3.10 -6.51 30.47
CA VAL A 157 1.98 -6.24 31.35
C VAL A 157 2.25 -5.01 32.22
N ALA A 158 3.45 -4.94 32.78
CA ALA A 158 3.83 -3.83 33.64
C ALA A 158 3.71 -2.46 32.97
N ARG A 159 4.12 -2.35 31.71
CA ARG A 159 4.09 -1.07 31.02
C ARG A 159 2.70 -0.49 30.73
N ILE A 160 1.66 -1.28 30.96
CA ILE A 160 0.32 -0.76 30.66
C ILE A 160 -0.11 0.39 31.57
N VAL A 161 0.65 0.61 32.64
CA VAL A 161 0.35 1.69 33.58
C VAL A 161 1.09 2.97 33.20
N LEU A 162 1.97 2.89 32.20
CA LEU A 162 2.72 4.07 31.75
C LEU A 162 1.81 4.97 30.92
N PRO A 163 1.87 6.29 31.15
CA PRO A 163 1.06 7.28 30.42
C PRO A 163 1.49 7.56 28.98
N LEU A 164 0.56 8.12 28.21
CA LEU A 164 0.78 8.43 26.79
C LEU A 164 1.92 9.39 26.48
N ASN A 165 2.41 10.14 27.46
CA ASN A 165 3.50 11.05 27.17
C ASN A 165 4.88 10.40 27.35
N LEU A 166 4.88 9.07 27.45
CA LEU A 166 6.15 8.33 27.58
C LEU A 166 6.83 8.44 26.22
N TYR A 167 8.14 8.65 26.22
CA TYR A 167 8.87 8.76 24.96
C TYR A 167 9.19 7.40 24.37
N THR A 168 9.04 7.29 23.05
CA THR A 168 9.34 6.07 22.33
C THR A 168 10.27 6.48 21.20
N ARG A 169 10.87 5.51 20.52
CA ARG A 169 11.78 5.78 19.42
C ARG A 169 11.48 4.88 18.23
N PHE A 170 11.67 5.38 17.03
CA PHE A 170 11.41 4.56 15.85
C PHE A 170 12.16 5.02 14.61
N PHE A 171 12.31 4.08 13.69
CA PHE A 171 12.93 4.36 12.41
C PHE A 171 11.78 4.50 11.42
N TRP A 172 11.88 5.49 10.55
CA TRP A 172 10.83 5.78 9.59
C TRP A 172 11.40 5.97 8.19
N THR A 173 11.01 5.09 7.26
CA THR A 173 11.46 5.20 5.88
C THR A 173 10.20 5.59 5.09
N VAL A 174 10.33 6.67 4.31
CA VAL A 174 9.21 7.22 3.57
C VAL A 174 9.73 7.95 2.33
N ASN A 175 9.01 7.84 1.22
CA ASN A 175 9.44 8.51 0.00
C ASN A 175 8.95 9.96 0.01
N ALA A 176 9.50 10.78 -0.88
CA ALA A 176 9.16 12.20 -0.96
C ALA A 176 7.67 12.50 -1.17
N ARG A 177 7.00 11.70 -1.99
CA ARG A 177 5.58 11.89 -2.23
C ARG A 177 4.80 11.72 -0.93
N SER A 178 5.03 10.60 -0.26
CA SER A 178 4.34 10.32 0.99
C SER A 178 4.71 11.37 2.05
N LEU A 179 5.96 11.83 2.00
CA LEU A 179 6.43 12.85 2.95
C LEU A 179 5.66 14.15 2.76
N MET A 180 5.39 14.51 1.51
CA MET A 180 4.64 15.73 1.28
C MET A 180 3.19 15.59 1.74
N ASN A 181 2.66 14.38 1.66
CA ASN A 181 1.29 14.09 2.11
C ASN A 181 1.28 14.29 3.64
N PHE A 182 2.33 13.81 4.28
CA PHE A 182 2.52 13.92 5.73
C PHE A 182 2.50 15.40 6.12
N LEU A 183 3.29 16.22 5.43
CA LEU A 183 3.35 17.66 5.74
C LEU A 183 2.02 18.39 5.50
N ASN A 184 1.26 17.99 4.49
CA ASN A 184 -0.02 18.63 4.24
C ASN A 184 -0.94 18.45 5.45
N LEU A 185 -0.79 17.31 6.12
CA LEU A 185 -1.61 16.98 7.28
C LEU A 185 -1.05 17.40 8.63
N ARG A 186 0.25 17.19 8.85
CA ARG A 186 0.87 17.52 10.13
C ARG A 186 1.45 18.93 10.25
N ALA A 187 1.89 19.49 9.13
CA ALA A 187 2.44 20.85 9.16
C ALA A 187 1.23 21.78 8.94
N ASP A 188 0.26 21.70 9.85
CA ASP A 188 -0.95 22.50 9.76
C ASP A 188 -1.43 22.85 11.15
N SER A 189 -1.96 24.07 11.31
CA SER A 189 -2.44 24.54 12.61
C SER A 189 -3.56 23.69 13.21
N HIS A 190 -4.22 22.90 12.40
CA HIS A 190 -5.31 22.05 12.89
C HIS A 190 -4.79 20.77 13.53
N ALA A 191 -3.54 20.41 13.24
CA ALA A 191 -2.94 19.21 13.82
C ALA A 191 -2.51 19.58 15.23
N GLN A 192 -2.32 18.59 16.10
CA GLN A 192 -1.90 18.90 17.46
C GLN A 192 -0.55 19.59 17.42
N TRP A 193 -0.39 20.64 18.23
CA TRP A 193 0.85 21.42 18.27
C TRP A 193 2.11 20.57 18.38
N GLU A 194 2.09 19.58 19.28
CA GLU A 194 3.26 18.72 19.44
C GLU A 194 3.74 18.08 18.13
N ILE A 195 2.83 17.49 17.35
CA ILE A 195 3.24 16.87 16.08
C ILE A 195 3.57 17.91 15.03
N GLN A 196 3.00 19.12 15.17
CA GLN A 196 3.32 20.19 14.24
C GLN A 196 4.82 20.44 14.35
N GLN A 197 5.32 20.45 15.58
CA GLN A 197 6.74 20.67 15.84
C GLN A 197 7.61 19.66 15.10
N TYR A 198 7.22 18.39 15.16
CA TYR A 198 7.97 17.34 14.48
C TYR A 198 7.88 17.52 12.97
N ALA A 199 6.71 17.94 12.50
CA ALA A 199 6.51 18.15 11.07
C ALA A 199 7.40 19.28 10.57
N LEU A 200 7.59 20.29 11.40
CA LEU A 200 8.44 21.41 10.99
C LEU A 200 9.87 20.93 10.82
N ALA A 201 10.32 20.05 11.70
CA ALA A 201 11.67 19.51 11.62
C ALA A 201 11.80 18.67 10.35
N ILE A 202 10.78 17.86 10.07
CA ILE A 202 10.80 17.03 8.87
C ILE A 202 10.90 17.93 7.64
N ALA A 203 10.14 19.02 7.64
CA ALA A 203 10.16 19.95 6.53
C ALA A 203 11.53 20.59 6.34
N ARG A 204 12.23 20.85 7.45
CA ARG A 204 13.55 21.45 7.38
C ARG A 204 14.56 20.51 6.73
N ILE A 205 14.50 19.24 7.09
CA ILE A 205 15.42 18.27 6.51
C ILE A 205 15.07 18.03 5.04
N PHE A 206 13.78 17.97 4.74
CA PHE A 206 13.31 17.76 3.37
C PHE A 206 13.83 18.92 2.52
N LYS A 207 13.63 20.13 3.00
CA LYS A 207 14.06 21.33 2.29
C LYS A 207 15.55 21.26 2.00
N GLU A 208 16.33 20.86 3.01
CA GLU A 208 17.78 20.75 2.88
C GLU A 208 18.23 19.75 1.83
N LYS A 209 17.55 18.61 1.75
CA LYS A 209 17.93 17.56 0.80
C LYS A 209 17.33 17.67 -0.61
N CYS A 210 16.18 18.34 -0.73
CA CYS A 210 15.53 18.47 -2.03
C CYS A 210 15.00 19.88 -2.17
N PRO A 211 15.89 20.88 -2.25
CA PRO A 211 15.54 22.30 -2.38
C PRO A 211 14.46 22.60 -3.41
N TRP A 212 14.68 22.17 -4.65
CA TRP A 212 13.74 22.43 -5.74
C TRP A 212 12.36 21.83 -5.49
N THR A 213 12.35 20.56 -5.10
CA THR A 213 11.10 19.88 -4.83
C THR A 213 10.37 20.57 -3.68
N PHE A 214 11.09 20.85 -2.61
CA PHE A 214 10.48 21.50 -1.47
C PHE A 214 9.89 22.85 -1.87
N GLU A 215 10.71 23.67 -2.53
CA GLU A 215 10.26 24.99 -2.95
C GLU A 215 9.01 24.90 -3.83
N ALA A 216 9.04 24.02 -4.83
CA ALA A 216 7.90 23.85 -5.72
C ALA A 216 6.69 23.40 -4.91
N PHE A 217 6.94 22.53 -3.94
CA PHE A 217 5.89 22.01 -3.07
C PHE A 217 5.20 23.15 -2.31
N LEU A 218 5.99 23.97 -1.63
CA LEU A 218 5.45 25.09 -0.86
C LEU A 218 4.68 26.08 -1.70
N LYS A 219 5.12 26.30 -2.94
CA LYS A 219 4.47 27.24 -3.82
C LYS A 219 3.25 26.74 -4.57
N TYR A 220 3.25 25.46 -4.96
CA TYR A 220 2.12 24.97 -5.73
C TYR A 220 1.32 23.80 -5.18
N ALA A 221 1.77 23.15 -4.11
CA ALA A 221 1.04 22.00 -3.59
C ALA A 221 0.75 21.97 -2.09
N TYR A 222 1.63 22.55 -1.29
CA TYR A 222 1.45 22.56 0.16
C TYR A 222 0.06 23.08 0.56
N LYS A 223 -0.69 22.23 1.25
CA LYS A 223 -2.05 22.56 1.68
C LYS A 223 -2.16 23.16 3.08
N GLY A 224 -1.11 22.98 3.89
CA GLY A 224 -1.12 23.50 5.25
C GLY A 224 -1.01 25.00 5.37
N ASP A 225 -0.88 25.48 6.60
CA ASP A 225 -0.79 26.91 6.87
C ASP A 225 0.34 27.37 7.81
N ILE A 226 1.34 26.52 8.05
CA ILE A 226 2.41 26.95 8.96
C ILE A 226 3.81 26.92 8.37
N LEU A 227 3.94 26.42 7.15
CA LEU A 227 5.25 26.37 6.50
C LEU A 227 5.52 27.64 5.69
N MET B 13 26.17 -1.10 -12.72
CA MET B 13 25.68 -2.49 -12.93
C MET B 13 24.50 -2.55 -13.90
N LYS B 14 24.76 -3.06 -15.09
CA LYS B 14 23.74 -3.20 -16.11
C LYS B 14 23.82 -4.61 -16.67
N ILE B 15 22.75 -5.37 -16.49
CA ILE B 15 22.72 -6.74 -16.98
C ILE B 15 21.79 -6.84 -18.17
N ASP B 16 22.27 -7.46 -19.24
CA ASP B 16 21.49 -7.63 -20.46
C ASP B 16 20.57 -8.83 -20.32
N ILE B 17 19.31 -8.63 -20.67
CA ILE B 17 18.30 -9.68 -20.58
C ILE B 17 17.67 -9.85 -21.96
N LEU B 18 17.41 -11.09 -22.34
CA LEU B 18 16.81 -11.42 -23.64
C LEU B 18 17.66 -10.86 -24.78
N ASP B 19 17.03 -10.48 -25.89
CA ASP B 19 17.79 -9.96 -27.03
C ASP B 19 18.07 -8.47 -27.05
N LYS B 20 17.23 -7.66 -26.42
CA LYS B 20 17.47 -6.22 -26.40
C LYS B 20 17.16 -5.58 -25.04
N GLY B 21 16.74 -6.39 -24.08
CA GLY B 21 16.41 -5.87 -22.76
C GLY B 21 17.55 -5.81 -21.76
N PHE B 22 17.27 -5.20 -20.60
CA PHE B 22 18.27 -5.08 -19.54
C PHE B 22 17.70 -4.66 -18.19
N VAL B 23 18.52 -4.85 -17.17
CA VAL B 23 18.20 -4.46 -15.81
C VAL B 23 19.41 -3.66 -15.35
N GLU B 24 19.19 -2.42 -14.94
CA GLU B 24 20.28 -1.57 -14.50
C GLU B 24 19.97 -0.95 -13.14
N LEU B 25 20.94 -1.00 -12.23
CA LEU B 25 20.78 -0.44 -10.90
C LEU B 25 21.04 1.06 -10.96
N VAL B 26 20.01 1.85 -10.66
CA VAL B 26 20.15 3.31 -10.70
C VAL B 26 20.64 3.87 -9.37
N ASP B 27 20.06 3.40 -8.27
CA ASP B 27 20.45 3.90 -6.96
C ASP B 27 20.14 2.89 -5.87
N VAL B 28 20.67 3.13 -4.67
CA VAL B 28 20.44 2.25 -3.54
C VAL B 28 20.62 3.02 -2.25
N MET B 29 19.80 2.71 -1.26
CA MET B 29 19.91 3.35 0.04
C MET B 29 20.03 2.23 1.06
N GLY B 30 21.05 2.33 1.91
CA GLY B 30 21.25 1.34 2.94
C GLY B 30 21.91 0.06 2.49
N ASN B 31 22.13 -0.84 3.45
CA ASN B 31 22.74 -2.13 3.22
C ASN B 31 22.24 -3.10 4.28
N ASP B 32 22.91 -4.24 4.43
CA ASP B 32 22.50 -5.22 5.42
C ASP B 32 22.40 -4.61 6.82
N LEU B 33 23.29 -3.68 7.12
CA LEU B 33 23.30 -3.06 8.45
C LEU B 33 22.12 -2.12 8.69
N SER B 34 21.46 -1.70 7.61
CA SER B 34 20.30 -0.83 7.76
C SER B 34 19.20 -1.63 8.45
N ALA B 35 19.05 -2.89 8.06
CA ALA B 35 18.04 -3.76 8.64
C ALA B 35 18.40 -4.14 10.08
N VAL B 36 19.68 -4.39 10.33
CA VAL B 36 20.14 -4.75 11.66
C VAL B 36 19.81 -3.62 12.62
N ARG B 37 20.12 -2.40 12.21
CA ARG B 37 19.86 -1.23 13.03
C ARG B 37 18.37 -1.08 13.30
N ALA B 38 17.56 -1.18 12.24
CA ALA B 38 16.12 -1.05 12.36
C ALA B 38 15.56 -2.04 13.37
N ALA B 39 16.00 -3.30 13.29
CA ALA B 39 15.54 -4.34 14.17
C ALA B 39 16.00 -4.19 15.62
N ARG B 40 17.20 -3.66 15.80
CA ARG B 40 17.77 -3.46 17.14
C ARG B 40 16.93 -2.53 18.01
N VAL B 41 16.37 -1.50 17.39
CA VAL B 41 15.56 -0.50 18.07
C VAL B 41 14.46 -1.12 18.94
N SER B 42 13.89 -2.22 18.48
CA SER B 42 12.83 -2.89 19.22
C SER B 42 13.32 -3.21 20.63
N PHE B 43 14.59 -3.61 20.73
CA PHE B 43 15.19 -3.95 22.02
C PHE B 43 15.95 -2.76 22.57
N ASP B 44 15.73 -1.58 21.98
CA ASP B 44 16.39 -0.37 22.44
C ASP B 44 17.90 -0.48 22.27
N MET B 45 18.33 -1.29 21.30
CA MET B 45 19.75 -1.50 21.03
C MET B 45 20.16 -0.95 19.66
N GLY B 46 21.46 -1.03 19.38
CA GLY B 46 22.01 -0.59 18.11
C GLY B 46 22.84 -1.72 17.53
N LEU B 47 23.87 -1.37 16.75
CA LEU B 47 24.73 -2.40 16.16
C LEU B 47 25.70 -2.96 17.20
N LYS B 48 26.25 -4.14 16.91
CA LYS B 48 27.20 -4.80 17.81
C LYS B 48 28.47 -5.14 17.04
N ASP B 49 28.57 -6.39 16.59
CA ASP B 49 29.73 -6.83 15.83
C ASP B 49 29.28 -7.66 14.62
N GLU B 50 30.16 -7.78 13.64
CA GLU B 50 29.84 -8.53 12.43
C GLU B 50 29.08 -9.82 12.69
N GLU B 51 29.76 -10.81 13.25
CA GLU B 51 29.15 -12.11 13.52
C GLU B 51 27.89 -12.01 14.38
N ARG B 52 27.69 -10.85 15.00
CA ARG B 52 26.51 -10.63 15.83
C ARG B 52 25.36 -10.13 14.97
N ASP B 53 25.60 -9.04 14.25
CA ASP B 53 24.59 -8.46 13.38
C ASP B 53 24.27 -9.40 12.21
N ARG B 54 25.28 -10.17 11.77
CA ARG B 54 25.10 -11.13 10.70
C ARG B 54 24.11 -12.18 11.17
N HIS B 55 24.30 -12.59 12.43
CA HIS B 55 23.46 -13.59 13.04
C HIS B 55 22.03 -13.08 13.24
N LEU B 56 21.89 -11.78 13.48
CA LEU B 56 20.57 -11.20 13.68
C LEU B 56 19.76 -11.30 12.39
N ILE B 57 20.36 -10.90 11.28
CA ILE B 57 19.70 -10.95 9.99
C ILE B 57 19.18 -12.36 9.71
N GLU B 58 19.97 -13.36 10.07
CA GLU B 58 19.58 -14.75 9.88
C GLU B 58 18.40 -15.09 10.78
N TYR B 59 18.43 -14.58 12.01
CA TYR B 59 17.35 -14.81 12.95
C TYR B 59 16.06 -14.20 12.41
N LEU B 60 16.14 -12.95 11.98
CA LEU B 60 14.98 -12.24 11.45
C LEU B 60 14.34 -12.99 10.29
N MET B 61 15.18 -13.47 9.38
CA MET B 61 14.72 -14.20 8.20
C MET B 61 14.01 -15.52 8.54
N LYS B 62 14.63 -16.32 9.39
CA LYS B 62 14.05 -17.61 9.76
C LYS B 62 12.77 -17.54 10.58
N HIS B 63 12.51 -16.40 11.20
CA HIS B 63 11.30 -16.29 12.01
C HIS B 63 10.20 -15.37 11.46
N GLY B 64 10.38 -14.90 10.22
CA GLY B 64 9.37 -14.05 9.61
C GLY B 64 9.35 -12.58 9.98
N HIS B 65 10.46 -12.04 10.47
CA HIS B 65 10.53 -10.63 10.82
C HIS B 65 10.93 -9.88 9.55
N GLU B 66 9.94 -9.58 8.73
CA GLU B 66 10.17 -8.92 7.46
C GLU B 66 10.33 -7.40 7.43
N THR B 67 9.70 -6.70 8.37
CA THR B 67 9.75 -5.23 8.37
C THR B 67 11.13 -4.56 8.36
N PRO B 68 12.11 -5.09 9.10
CA PRO B 68 13.44 -4.46 9.10
C PRO B 68 14.05 -4.28 7.71
N PHE B 69 13.71 -5.18 6.81
CA PHE B 69 14.24 -5.12 5.44
C PHE B 69 13.61 -4.06 4.56
N GLU B 70 12.52 -3.46 5.04
CA GLU B 70 11.85 -2.40 4.30
C GLU B 70 12.71 -1.13 4.29
N HIS B 71 13.73 -1.08 5.15
CA HIS B 71 14.59 0.10 5.21
C HIS B 71 15.72 0.11 4.18
N ILE B 72 15.82 -0.96 3.40
CA ILE B 72 16.82 -1.05 2.33
C ILE B 72 16.01 -0.76 1.06
N VAL B 73 16.47 0.18 0.23
CA VAL B 73 15.73 0.53 -0.98
C VAL B 73 16.59 0.61 -2.25
N PHE B 74 16.01 0.14 -3.36
CA PHE B 74 16.68 0.13 -4.66
C PHE B 74 15.86 0.84 -5.75
N THR B 75 16.56 1.35 -6.75
CA THR B 75 15.90 1.98 -7.89
C THR B 75 16.57 1.33 -9.11
N PHE B 76 15.77 0.63 -9.90
CA PHE B 76 16.27 -0.02 -11.11
C PHE B 76 15.72 0.68 -12.36
N HIS B 77 16.45 0.57 -13.47
CA HIS B 77 16.05 1.12 -14.76
C HIS B 77 15.94 -0.15 -15.58
N VAL B 78 14.73 -0.46 -16.03
CA VAL B 78 14.50 -1.71 -16.76
C VAL B 78 13.93 -1.58 -18.18
N LYS B 79 14.48 -2.37 -19.09
CA LYS B 79 14.02 -2.41 -20.47
C LYS B 79 13.45 -3.82 -20.67
N ALA B 80 12.18 -3.89 -21.04
CA ALA B 80 11.54 -5.19 -21.19
C ALA B 80 10.29 -5.19 -22.07
N PRO B 81 9.90 -6.38 -22.56
CA PRO B 81 8.71 -6.53 -23.42
C PRO B 81 7.48 -6.15 -22.61
N ILE B 82 6.47 -5.57 -23.25
CA ILE B 82 5.28 -5.18 -22.51
C ILE B 82 4.60 -6.37 -21.81
N PHE B 83 4.57 -7.54 -22.44
CA PHE B 83 3.92 -8.69 -21.78
C PHE B 83 4.62 -9.02 -20.47
N VAL B 84 5.91 -8.71 -20.38
CA VAL B 84 6.66 -8.94 -19.14
C VAL B 84 6.36 -7.81 -18.15
N ALA B 85 6.36 -6.57 -18.64
CA ALA B 85 6.08 -5.42 -17.77
C ALA B 85 4.68 -5.49 -17.14
N ARG B 86 3.72 -6.05 -17.87
CA ARG B 86 2.37 -6.18 -17.34
C ARG B 86 2.33 -7.09 -16.12
N GLN B 87 3.12 -8.15 -16.14
CA GLN B 87 3.18 -9.08 -15.02
C GLN B 87 3.92 -8.37 -13.88
N TRP B 88 5.04 -7.75 -14.21
CA TRP B 88 5.90 -7.03 -13.26
C TRP B 88 5.14 -5.94 -12.50
N PHE B 89 4.38 -5.13 -13.22
CA PHE B 89 3.63 -4.02 -12.65
C PHE B 89 2.50 -4.43 -11.70
N ARG B 90 2.22 -5.73 -11.63
CA ARG B 90 1.20 -6.23 -10.72
C ARG B 90 1.68 -6.13 -9.27
N HIS B 91 2.98 -5.93 -9.09
CA HIS B 91 3.54 -5.79 -7.75
C HIS B 91 3.28 -4.35 -7.29
N ARG B 92 2.25 -4.19 -6.46
CA ARG B 92 1.80 -2.90 -5.95
C ARG B 92 2.64 -2.18 -4.91
N ILE B 93 3.42 -2.90 -4.11
CA ILE B 93 4.24 -2.24 -3.09
C ILE B 93 5.61 -1.86 -3.67
N ALA B 94 5.57 -0.91 -4.58
CA ALA B 94 6.76 -0.40 -5.26
C ALA B 94 6.30 0.82 -6.05
N SER B 95 7.26 1.53 -6.64
CA SER B 95 6.95 2.73 -7.42
C SER B 95 7.41 2.56 -8.87
N TYR B 96 6.62 3.09 -9.80
CA TYR B 96 6.90 2.98 -11.22
C TYR B 96 6.77 4.28 -12.02
N ASN B 97 7.56 4.36 -13.10
CA ASN B 97 7.53 5.46 -14.05
C ASN B 97 7.97 4.79 -15.35
N GLU B 98 7.09 4.79 -16.34
CA GLU B 98 7.37 4.12 -17.60
C GLU B 98 7.20 4.98 -18.85
N LEU B 99 7.92 4.60 -19.91
CA LEU B 99 7.89 5.28 -21.21
C LEU B 99 6.43 5.32 -21.67
N SER B 100 5.98 6.47 -22.16
CA SER B 100 4.59 6.61 -22.60
C SER B 100 4.37 6.45 -24.09
N GLY B 101 3.37 5.64 -24.43
CA GLY B 101 3.02 5.40 -25.82
C GLY B 101 2.14 6.51 -26.37
N ARG B 102 1.57 7.32 -25.51
CA ARG B 102 0.76 8.41 -26.02
C ARG B 102 1.58 9.70 -26.12
N TYR B 103 2.71 9.75 -25.42
CA TYR B 103 3.56 10.93 -25.44
C TYR B 103 4.85 10.81 -26.26
N SER B 104 5.20 9.60 -26.66
CA SER B 104 6.44 9.39 -27.43
C SER B 104 6.21 8.53 -28.66
N LYS B 105 7.06 8.72 -29.67
CA LYS B 105 7.01 7.90 -30.87
C LYS B 105 7.78 6.68 -30.40
N LEU B 106 7.24 5.49 -30.59
CA LEU B 106 7.92 4.30 -30.13
C LEU B 106 8.97 3.77 -31.11
N SER B 107 10.08 3.26 -30.55
CA SER B 107 11.17 2.72 -31.34
C SER B 107 10.94 1.31 -31.84
N TYR B 108 11.57 1.00 -32.96
CA TYR B 108 11.46 -0.32 -33.56
C TYR B 108 12.33 -1.29 -32.77
N GLU B 109 11.81 -1.80 -31.66
CA GLU B 109 12.53 -2.75 -30.82
C GLU B 109 11.53 -3.74 -30.24
N PHE B 110 11.66 -4.99 -30.67
CA PHE B 110 10.76 -6.04 -30.22
C PHE B 110 11.50 -7.28 -29.77
N TYR B 111 10.89 -8.05 -28.87
CA TYR B 111 11.50 -9.28 -28.38
C TYR B 111 11.22 -10.41 -29.37
N ILE B 112 12.28 -10.91 -29.97
CA ILE B 112 12.15 -12.02 -30.91
C ILE B 112 12.73 -13.22 -30.18
N PRO B 113 11.89 -14.19 -29.81
CA PRO B 113 12.39 -15.37 -29.11
C PRO B 113 13.44 -16.11 -29.92
N SER B 114 14.43 -16.65 -29.23
CA SER B 114 15.49 -17.41 -29.89
C SER B 114 14.88 -18.74 -30.27
N PRO B 115 15.46 -19.45 -31.25
CA PRO B 115 14.89 -20.75 -31.61
C PRO B 115 14.91 -21.71 -30.42
N GLU B 116 15.89 -21.51 -29.55
CA GLU B 116 16.07 -22.33 -28.36
C GLU B 116 14.93 -22.18 -27.34
N ARG B 117 14.17 -21.09 -27.45
CA ARG B 117 13.06 -20.82 -26.52
C ARG B 117 12.01 -21.93 -26.55
N LEU B 118 11.77 -22.50 -27.73
CA LEU B 118 10.79 -23.55 -27.91
C LEU B 118 11.37 -24.92 -27.59
N GLU B 119 12.65 -24.95 -27.22
CA GLU B 119 13.31 -26.19 -26.90
C GLU B 119 12.51 -26.85 -25.77
N GLY B 120 12.11 -28.09 -25.99
CA GLY B 120 11.33 -28.80 -24.99
C GLY B 120 9.87 -28.95 -25.38
N TYR B 121 9.52 -28.49 -26.58
CA TYR B 121 8.14 -28.59 -27.07
C TYR B 121 8.08 -29.17 -28.47
N LYS B 122 7.16 -30.10 -28.69
CA LYS B 122 6.97 -30.69 -30.01
C LYS B 122 6.08 -29.76 -30.83
N THR B 123 6.67 -29.14 -31.84
CA THR B 123 5.92 -28.21 -32.70
C THR B 123 5.85 -28.73 -34.13
N THR B 124 4.76 -28.41 -34.81
CA THR B 124 4.55 -28.84 -36.19
C THR B 124 5.52 -28.16 -37.15
N ILE B 125 5.98 -26.97 -36.79
CA ILE B 125 6.92 -26.23 -37.63
C ILE B 125 8.21 -25.97 -36.88
N PRO B 126 9.33 -25.90 -37.61
CA PRO B 126 10.65 -25.66 -37.02
C PRO B 126 10.71 -24.35 -36.24
N PRO B 127 11.44 -24.32 -35.12
CA PRO B 127 11.57 -23.11 -34.29
C PRO B 127 11.91 -21.89 -35.14
N GLU B 128 12.82 -22.08 -36.09
CA GLU B 128 13.24 -21.00 -36.98
C GLU B 128 12.04 -20.37 -37.68
N ARG B 129 11.10 -21.21 -38.10
CA ARG B 129 9.89 -20.76 -38.78
C ARG B 129 9.05 -19.94 -37.79
N VAL B 130 8.92 -20.44 -36.57
CA VAL B 130 8.17 -19.74 -35.54
C VAL B 130 8.75 -18.35 -35.40
N THR B 131 10.07 -18.31 -35.25
CA THR B 131 10.80 -17.05 -35.10
C THR B 131 10.51 -16.12 -36.28
N GLU B 132 10.28 -16.69 -37.46
CA GLU B 132 9.99 -15.92 -38.67
C GLU B 132 8.60 -15.27 -38.62
N LYS B 133 7.59 -16.09 -38.32
CA LYS B 133 6.21 -15.60 -38.25
C LYS B 133 6.06 -14.45 -37.26
N ILE B 134 6.76 -14.54 -36.14
CA ILE B 134 6.70 -13.48 -35.12
C ILE B 134 7.27 -12.18 -35.67
N SER B 135 8.44 -12.26 -36.31
CA SER B 135 9.08 -11.07 -36.90
C SER B 135 8.22 -10.47 -37.99
N GLU B 136 7.55 -11.32 -38.76
CA GLU B 136 6.69 -10.85 -39.84
C GLU B 136 5.60 -9.93 -39.30
N ILE B 137 4.90 -10.39 -38.26
CA ILE B 137 3.85 -9.59 -37.64
C ILE B 137 4.43 -8.29 -37.10
N VAL B 138 5.57 -8.41 -36.42
CA VAL B 138 6.24 -7.26 -35.85
C VAL B 138 6.54 -6.19 -36.90
N ASP B 139 7.16 -6.60 -38.00
CA ASP B 139 7.50 -5.65 -39.04
C ASP B 139 6.26 -5.06 -39.70
N LYS B 140 5.25 -5.89 -39.90
CA LYS B 140 4.02 -5.43 -40.51
C LYS B 140 3.31 -4.44 -39.58
N ALA B 141 3.22 -4.77 -38.30
CA ALA B 141 2.57 -3.90 -37.34
C ALA B 141 3.30 -2.56 -37.21
N TYR B 142 4.61 -2.61 -37.05
CA TYR B 142 5.38 -1.38 -36.90
C TYR B 142 5.27 -0.48 -38.14
N ARG B 143 5.20 -1.12 -39.31
CA ARG B 143 5.07 -0.39 -40.56
C ARG B 143 3.72 0.32 -40.56
N THR B 144 2.69 -0.37 -40.10
CA THR B 144 1.35 0.19 -40.03
C THR B 144 1.34 1.35 -39.02
N TYR B 145 2.07 1.15 -37.93
CA TYR B 145 2.18 2.16 -36.88
C TYR B 145 2.72 3.47 -37.42
N LEU B 146 3.85 3.40 -38.12
CA LEU B 146 4.45 4.61 -38.67
C LEU B 146 3.54 5.25 -39.70
N GLU B 147 2.93 4.42 -40.55
CA GLU B 147 2.04 4.94 -41.56
C GLU B 147 0.89 5.74 -40.93
N LEU B 148 0.34 5.22 -39.85
CA LEU B 148 -0.76 5.91 -39.19
C LEU B 148 -0.28 7.25 -38.63
N ILE B 149 0.88 7.25 -38.01
CA ILE B 149 1.43 8.48 -37.47
C ILE B 149 1.68 9.51 -38.57
N GLU B 150 2.30 9.09 -39.66
CA GLU B 150 2.57 10.02 -40.76
C GLU B 150 1.28 10.57 -41.36
N SER B 151 0.19 9.83 -41.22
CA SER B 151 -1.09 10.26 -41.76
C SER B 151 -1.85 11.19 -40.80
N GLY B 152 -1.19 11.60 -39.73
CA GLY B 152 -1.82 12.51 -38.79
C GLY B 152 -2.59 11.83 -37.66
N VAL B 153 -2.52 10.51 -37.59
CA VAL B 153 -3.21 9.78 -36.53
C VAL B 153 -2.47 9.98 -35.21
N PRO B 154 -3.22 10.34 -34.15
CA PRO B 154 -2.65 10.56 -32.81
C PRO B 154 -1.83 9.35 -32.33
N ARG B 155 -0.67 9.60 -31.74
CA ARG B 155 0.16 8.52 -31.25
C ARG B 155 -0.55 7.56 -30.30
N GLU B 156 -1.34 8.11 -29.38
CA GLU B 156 -2.06 7.27 -28.41
C GLU B 156 -2.99 6.27 -29.08
N VAL B 157 -3.39 6.54 -30.31
CA VAL B 157 -4.27 5.66 -31.06
C VAL B 157 -3.49 4.78 -32.03
N ALA B 158 -2.48 5.36 -32.66
CA ALA B 158 -1.66 4.61 -33.61
C ALA B 158 -0.92 3.43 -33.00
N ARG B 159 -0.50 3.55 -31.74
CA ARG B 159 0.25 2.48 -31.11
C ARG B 159 -0.55 1.23 -30.74
N ILE B 160 -1.87 1.29 -30.89
CA ILE B 160 -2.68 0.15 -30.52
C ILE B 160 -2.51 -1.05 -31.44
N VAL B 161 -1.78 -0.88 -32.54
CA VAL B 161 -1.58 -2.00 -33.46
C VAL B 161 -0.27 -2.72 -33.10
N LEU B 162 0.53 -2.10 -32.25
CA LEU B 162 1.80 -2.71 -31.86
C LEU B 162 1.62 -3.95 -30.98
N PRO B 163 2.38 -5.01 -31.25
CA PRO B 163 2.29 -6.25 -30.48
C PRO B 163 2.85 -6.17 -29.07
N LEU B 164 2.50 -7.15 -28.24
CA LEU B 164 2.94 -7.22 -26.84
C LEU B 164 4.43 -7.45 -26.63
N ASN B 165 5.16 -7.82 -27.68
CA ASN B 165 6.60 -8.03 -27.50
C ASN B 165 7.39 -6.74 -27.70
N LEU B 166 6.67 -5.63 -27.86
CA LEU B 166 7.31 -4.31 -28.00
C LEU B 166 8.06 -4.00 -26.70
N TYR B 167 9.27 -3.48 -26.83
CA TYR B 167 10.07 -3.14 -25.65
C TYR B 167 9.69 -1.81 -25.03
N THR B 168 9.54 -1.79 -23.70
CA THR B 168 9.22 -0.57 -22.99
C THR B 168 10.30 -0.35 -21.94
N ARG B 169 10.33 0.83 -21.33
CA ARG B 169 11.32 1.13 -20.29
C ARG B 169 10.65 1.77 -19.10
N PHE B 170 11.22 1.55 -17.93
CA PHE B 170 10.66 2.12 -16.72
C PHE B 170 11.64 2.10 -15.56
N PHE B 171 11.39 2.98 -14.60
CA PHE B 171 12.18 3.07 -13.38
C PHE B 171 11.37 2.29 -12.34
N TRP B 172 12.06 1.55 -11.48
CA TRP B 172 11.40 0.76 -10.46
C TRP B 172 12.08 0.96 -9.12
N THR B 173 11.37 1.56 -8.17
CA THR B 173 11.91 1.77 -6.83
C THR B 173 11.13 0.83 -5.91
N VAL B 174 11.84 -0.01 -5.18
CA VAL B 174 11.23 -1.03 -4.33
C VAL B 174 12.13 -1.32 -3.13
N ASN B 175 11.53 -1.59 -1.97
CA ASN B 175 12.34 -1.89 -0.80
C ASN B 175 12.72 -3.38 -0.79
N ALA B 176 13.73 -3.73 0.00
CA ALA B 176 14.22 -5.11 0.05
C ALA B 176 13.20 -6.18 0.38
N ARG B 177 12.21 -5.86 1.22
CA ARG B 177 11.20 -6.84 1.57
C ARG B 177 10.31 -7.13 0.37
N SER B 178 9.87 -6.07 -0.30
CA SER B 178 9.02 -6.24 -1.47
C SER B 178 9.80 -6.90 -2.60
N LEU B 179 11.09 -6.61 -2.67
CA LEU B 179 11.96 -7.19 -3.69
C LEU B 179 12.00 -8.71 -3.48
N MET B 180 12.07 -9.13 -2.22
CA MET B 180 12.11 -10.56 -1.92
C MET B 180 10.77 -11.23 -2.23
N ASN B 181 9.67 -10.51 -2.06
CA ASN B 181 8.34 -11.03 -2.39
C ASN B 181 8.36 -11.25 -3.92
N PHE B 182 8.93 -10.27 -4.62
CA PHE B 182 9.05 -10.32 -6.07
C PHE B 182 9.82 -11.57 -6.48
N LEU B 183 10.98 -11.79 -5.86
CA LEU B 183 11.80 -12.96 -6.18
C LEU B 183 11.07 -14.28 -5.94
N ASN B 184 10.33 -14.38 -4.84
CA ASN B 184 9.60 -15.60 -4.54
C ASN B 184 8.61 -15.97 -5.64
N LEU B 185 8.04 -14.96 -6.29
CA LEU B 185 7.06 -15.18 -7.34
C LEU B 185 7.63 -15.29 -8.74
N ARG B 186 8.62 -14.45 -9.06
CA ARG B 186 9.18 -14.43 -10.40
C ARG B 186 10.46 -15.25 -10.61
N ALA B 187 11.22 -15.47 -9.54
CA ALA B 187 12.43 -16.28 -9.68
C ALA B 187 11.93 -17.68 -9.34
N ASP B 188 10.99 -18.14 -10.16
CA ASP B 188 10.38 -19.46 -9.96
C ASP B 188 9.95 -20.07 -11.29
N SER B 189 10.04 -21.40 -11.38
CA SER B 189 9.70 -22.12 -12.60
C SER B 189 8.27 -21.91 -13.10
N HIS B 190 7.35 -21.59 -12.21
CA HIS B 190 5.95 -21.38 -12.60
C HIS B 190 5.68 -20.06 -13.31
N ALA B 191 6.60 -19.11 -13.17
CA ALA B 191 6.45 -17.82 -13.82
C ALA B 191 6.91 -17.99 -15.26
N GLN B 192 6.49 -17.10 -16.15
CA GLN B 192 6.91 -17.21 -17.54
C GLN B 192 8.43 -17.09 -17.65
N TRP B 193 9.02 -17.94 -18.47
CA TRP B 193 10.48 -17.95 -18.65
C TRP B 193 11.09 -16.57 -18.81
N GLU B 194 10.45 -15.72 -19.62
CA GLU B 194 10.97 -14.37 -19.85
C GLU B 194 11.17 -13.51 -18.61
N ILE B 195 10.19 -13.44 -17.73
CA ILE B 195 10.36 -12.63 -16.53
C ILE B 195 11.27 -13.35 -15.53
N GLN B 196 11.39 -14.67 -15.69
CA GLN B 196 12.29 -15.45 -14.83
C GLN B 196 13.70 -14.87 -15.01
N GLN B 197 14.05 -14.60 -16.26
CA GLN B 197 15.37 -14.06 -16.61
C GLN B 197 15.63 -12.72 -15.96
N TYR B 198 14.61 -11.87 -15.93
CA TYR B 198 14.76 -10.57 -15.29
C TYR B 198 14.92 -10.73 -13.78
N ALA B 199 14.19 -11.67 -13.20
CA ALA B 199 14.25 -11.91 -11.77
C ALA B 199 15.66 -12.34 -11.37
N LEU B 200 16.33 -13.07 -12.26
CA LEU B 200 17.69 -13.53 -12.00
C LEU B 200 18.64 -12.33 -11.89
N ALA B 201 18.47 -11.38 -12.81
CA ALA B 201 19.28 -10.18 -12.83
C ALA B 201 19.04 -9.33 -11.59
N ILE B 202 17.78 -9.28 -11.15
CA ILE B 202 17.42 -8.52 -9.96
C ILE B 202 18.07 -9.16 -8.74
N ALA B 203 18.02 -10.49 -8.69
CA ALA B 203 18.60 -11.23 -7.57
C ALA B 203 20.11 -11.06 -7.51
N ARG B 204 20.75 -11.02 -8.68
CA ARG B 204 22.21 -10.87 -8.75
C ARG B 204 22.64 -9.52 -8.19
N ILE B 205 21.89 -8.47 -8.52
CA ILE B 205 22.19 -7.13 -8.02
C ILE B 205 21.90 -7.06 -6.52
N PHE B 206 20.78 -7.64 -6.11
CA PHE B 206 20.39 -7.68 -4.70
C PHE B 206 21.47 -8.39 -3.89
N LYS B 207 22.02 -9.47 -4.44
CA LYS B 207 23.07 -10.21 -3.75
C LYS B 207 24.33 -9.36 -3.59
N GLU B 208 24.66 -8.62 -4.65
CA GLU B 208 25.83 -7.75 -4.64
C GLU B 208 25.74 -6.66 -3.57
N LYS B 209 24.55 -6.10 -3.38
CA LYS B 209 24.37 -5.03 -2.40
C LYS B 209 24.04 -5.46 -0.99
N CYS B 210 23.36 -6.61 -0.84
CA CYS B 210 22.97 -7.11 0.47
C CYS B 210 23.26 -8.59 0.58
N PRO B 211 24.54 -8.97 0.58
CA PRO B 211 24.98 -10.37 0.67
C PRO B 211 24.42 -11.15 1.86
N TRP B 212 24.44 -10.55 3.04
CA TRP B 212 23.93 -11.23 4.22
C TRP B 212 22.44 -11.49 4.09
N THR B 213 21.70 -10.46 3.69
CA THR B 213 20.26 -10.59 3.53
C THR B 213 19.92 -11.59 2.45
N PHE B 214 20.63 -11.51 1.31
CA PHE B 214 20.38 -12.43 0.21
C PHE B 214 20.56 -13.88 0.66
N GLU B 215 21.73 -14.17 1.23
CA GLU B 215 22.05 -15.51 1.71
C GLU B 215 21.02 -16.03 2.70
N ALA B 216 20.72 -15.22 3.71
CA ALA B 216 19.75 -15.60 4.73
C ALA B 216 18.39 -15.82 4.08
N PHE B 217 18.12 -15.06 3.02
CA PHE B 217 16.85 -15.16 2.30
C PHE B 217 16.78 -16.52 1.60
N LEU B 218 17.83 -16.85 0.85
CA LEU B 218 17.87 -18.13 0.14
C LEU B 218 17.81 -19.30 1.10
N LYS B 219 18.43 -19.14 2.26
CA LYS B 219 18.47 -20.20 3.26
C LYS B 219 17.21 -20.34 4.12
N TYR B 220 16.54 -19.24 4.44
CA TYR B 220 15.36 -19.34 5.29
C TYR B 220 13.98 -18.88 4.78
N ALA B 221 13.94 -17.97 3.82
CA ALA B 221 12.63 -17.49 3.37
C ALA B 221 12.24 -17.72 1.93
N TYR B 222 13.20 -17.72 1.02
CA TYR B 222 12.92 -17.92 -0.40
C TYR B 222 12.03 -19.16 -0.66
N LYS B 223 10.94 -18.96 -1.38
CA LYS B 223 10.02 -20.05 -1.67
C LYS B 223 10.07 -20.55 -3.11
N GLY B 224 10.80 -19.84 -3.98
CA GLY B 224 10.92 -20.25 -5.36
C GLY B 224 11.91 -21.38 -5.52
N ASP B 225 12.21 -21.77 -6.76
CA ASP B 225 13.16 -22.85 -6.98
C ASP B 225 14.47 -22.50 -7.69
N ILE B 226 14.38 -21.80 -8.82
CA ILE B 226 15.56 -21.48 -9.62
C ILE B 226 16.77 -20.81 -8.95
N LEU B 227 16.56 -20.05 -7.89
CA LEU B 227 17.70 -19.39 -7.24
C LEU B 227 18.55 -20.35 -6.41
N LYS B 228 18.02 -21.54 -6.15
CA LYS B 228 18.75 -22.53 -5.36
C LYS B 228 19.71 -23.32 -6.25
N GLU B 229 19.41 -23.35 -7.56
CA GLU B 229 20.24 -24.07 -8.51
C GLU B 229 21.18 -23.16 -9.29
N VAL B 230 20.69 -21.98 -9.65
CA VAL B 230 21.49 -21.02 -10.39
C VAL B 230 22.39 -20.23 -9.44
N GLN B 231 23.41 -19.58 -9.96
CA GLN B 231 24.31 -18.78 -9.13
C GLN B 231 24.02 -17.30 -9.29
N VAL B 232 24.16 -16.58 -8.18
CA VAL B 232 23.94 -15.13 -8.10
C VAL B 232 22.59 -14.67 -8.62
N MET C 13 -26.42 -3.82 -12.91
CA MET C 13 -25.85 -2.64 -13.62
C MET C 13 -24.68 -3.01 -14.51
N LYS C 14 -24.87 -2.83 -15.82
CA LYS C 14 -23.84 -3.13 -16.78
C LYS C 14 -23.90 -2.06 -17.87
N ILE C 15 -22.77 -1.41 -18.11
CA ILE C 15 -22.68 -0.35 -19.10
C ILE C 15 -21.69 -0.73 -20.20
N ASP C 16 -22.13 -0.65 -21.46
CA ASP C 16 -21.24 -0.97 -22.58
C ASP C 16 -20.30 0.22 -22.82
N ILE C 17 -19.05 -0.09 -23.16
CA ILE C 17 -18.05 0.94 -23.40
C ILE C 17 -17.27 0.61 -24.67
N LEU C 18 -16.94 1.63 -25.45
CA LEU C 18 -16.22 1.45 -26.70
C LEU C 18 -17.04 0.52 -27.60
N ASP C 19 -16.39 -0.42 -28.29
CA ASP C 19 -17.14 -1.32 -29.17
C ASP C 19 -17.45 -2.71 -28.61
N LYS C 20 -16.64 -3.21 -27.69
CA LYS C 20 -16.87 -4.54 -27.14
C LYS C 20 -16.66 -4.63 -25.63
N GLY C 21 -16.44 -3.48 -24.99
CA GLY C 21 -16.21 -3.49 -23.56
C GLY C 21 -17.41 -3.19 -22.71
N PHE C 22 -17.20 -3.21 -21.40
CA PHE C 22 -18.26 -2.90 -20.47
C PHE C 22 -17.72 -2.77 -19.05
N VAL C 23 -18.57 -2.22 -18.19
CA VAL C 23 -18.26 -2.06 -16.78
C VAL C 23 -19.49 -2.60 -16.10
N GLU C 24 -19.29 -3.59 -15.24
CA GLU C 24 -20.40 -4.22 -14.55
C GLU C 24 -20.18 -4.28 -13.04
N LEU C 25 -21.20 -3.91 -12.28
CA LEU C 25 -21.12 -3.93 -10.82
C LEU C 25 -21.34 -5.36 -10.34
N VAL C 26 -20.35 -5.90 -9.66
CA VAL C 26 -20.41 -7.26 -9.13
C VAL C 26 -20.95 -7.28 -7.70
N ASP C 27 -20.44 -6.38 -6.87
CA ASP C 27 -20.87 -6.32 -5.48
C ASP C 27 -20.54 -4.96 -4.90
N VAL C 28 -21.03 -4.71 -3.70
CA VAL C 28 -20.78 -3.45 -3.03
C VAL C 28 -21.09 -3.55 -1.54
N MET C 29 -20.22 -2.99 -0.72
CA MET C 29 -20.41 -3.01 0.71
C MET C 29 -20.62 -1.58 1.22
N GLY C 30 -21.69 -1.39 1.98
CA GLY C 30 -22.00 -0.09 2.53
C GLY C 30 -22.60 0.91 1.56
N ASN C 31 -22.86 2.10 2.05
CA ASN C 31 -23.42 3.20 1.26
C ASN C 31 -22.91 4.48 1.93
N ASP C 32 -23.53 5.61 1.61
CA ASP C 32 -23.09 6.87 2.19
C ASP C 32 -23.03 6.83 3.71
N LEU C 33 -24.01 6.16 4.32
CA LEU C 33 -24.04 6.07 5.79
C LEU C 33 -22.87 5.31 6.38
N SER C 34 -22.21 4.49 5.56
CA SER C 34 -21.06 3.74 6.03
C SER C 34 -19.91 4.70 6.37
N ALA C 35 -19.74 5.73 5.56
CA ALA C 35 -18.69 6.71 5.84
C ALA C 35 -19.09 7.51 7.08
N VAL C 36 -20.39 7.74 7.22
CA VAL C 36 -20.89 8.49 8.38
C VAL C 36 -20.65 7.71 9.67
N ARG C 37 -21.01 6.43 9.67
CA ARG C 37 -20.82 5.58 10.85
C ARG C 37 -19.33 5.50 11.22
N ALA C 38 -18.48 5.41 10.20
CA ALA C 38 -17.04 5.31 10.41
C ALA C 38 -16.45 6.58 10.99
N ALA C 39 -16.82 7.73 10.41
CA ALA C 39 -16.31 9.01 10.89
C ALA C 39 -16.70 9.28 12.34
N ARG C 40 -17.87 8.78 12.76
CA ARG C 40 -18.32 8.98 14.13
C ARG C 40 -17.85 7.82 15.03
N VAL C 41 -17.52 6.70 14.42
CA VAL C 41 -17.09 5.50 15.15
C VAL C 41 -18.23 5.02 16.07
N SER C 42 -19.41 4.84 15.49
CA SER C 42 -20.57 4.39 16.27
C SER C 42 -21.41 3.39 15.50
N PHE C 43 -22.06 2.48 16.22
CA PHE C 43 -22.91 1.47 15.60
C PHE C 43 -22.10 0.65 14.60
N LYS C 48 -30.55 7.37 8.75
CA LYS C 48 -30.66 7.81 10.12
C LYS C 48 -31.12 9.27 10.24
N ASP C 49 -30.31 10.22 9.78
CA ASP C 49 -30.66 11.64 9.83
C ASP C 49 -30.06 12.31 8.60
N GLU C 50 -30.81 12.25 7.51
CA GLU C 50 -30.38 12.80 6.22
C GLU C 50 -29.71 14.16 6.30
N GLU C 51 -30.38 15.13 6.92
CA GLU C 51 -29.85 16.48 7.06
C GLU C 51 -28.44 16.44 7.64
N ARG C 52 -28.34 15.93 8.86
CA ARG C 52 -27.05 15.82 9.56
C ARG C 52 -26.02 15.00 8.77
N ASP C 53 -26.38 13.76 8.46
CA ASP C 53 -25.48 12.86 7.74
C ASP C 53 -24.90 13.47 6.46
N ARG C 54 -25.78 14.03 5.63
CA ARG C 54 -25.33 14.62 4.37
C ARG C 54 -24.40 15.80 4.65
N HIS C 55 -24.70 16.55 5.70
CA HIS C 55 -23.88 17.71 6.06
C HIS C 55 -22.49 17.24 6.46
N LEU C 56 -22.42 16.15 7.21
CA LEU C 56 -21.15 15.59 7.66
C LEU C 56 -20.33 15.14 6.45
N ILE C 57 -20.98 14.45 5.51
CA ILE C 57 -20.30 13.98 4.30
C ILE C 57 -19.67 15.17 3.58
N GLU C 58 -20.41 16.28 3.49
CA GLU C 58 -19.89 17.47 2.84
C GLU C 58 -18.73 18.05 3.64
N TYR C 59 -18.87 18.06 4.95
CA TYR C 59 -17.84 18.57 5.84
C TYR C 59 -16.53 17.80 5.62
N LEU C 60 -16.63 16.47 5.60
CA LEU C 60 -15.46 15.62 5.40
C LEU C 60 -14.79 15.87 4.05
N MET C 61 -15.59 15.94 3.00
CA MET C 61 -15.09 16.16 1.65
C MET C 61 -14.43 17.52 1.50
N LYS C 62 -15.04 18.52 2.12
CA LYS C 62 -14.55 19.90 2.09
C LYS C 62 -13.22 20.11 2.82
N HIS C 63 -13.02 19.39 3.92
CA HIS C 63 -11.79 19.56 4.69
C HIS C 63 -10.76 18.44 4.50
N GLY C 64 -10.88 17.70 3.41
CA GLY C 64 -9.92 16.64 3.14
C GLY C 64 -9.87 15.45 4.07
N HIS C 65 -10.98 15.12 4.74
CA HIS C 65 -11.00 13.96 5.64
C HIS C 65 -11.52 12.79 4.81
N GLU C 66 -10.61 12.13 4.12
CA GLU C 66 -10.95 11.04 3.23
C GLU C 66 -11.05 9.61 3.78
N THR C 67 -10.44 9.34 4.93
CA THR C 67 -10.47 7.99 5.48
C THR C 67 -11.85 7.33 5.68
N PRO C 68 -12.86 8.11 6.12
CA PRO C 68 -14.20 7.52 6.32
C PRO C 68 -14.76 6.83 5.07
N PHE C 69 -14.36 7.32 3.91
CA PHE C 69 -14.85 6.78 2.65
C PHE C 69 -14.20 5.45 2.23
N GLU C 70 -13.11 5.08 2.91
CA GLU C 70 -12.44 3.82 2.62
C GLU C 70 -13.32 2.66 3.09
N HIS C 71 -14.33 2.99 3.89
CA HIS C 71 -15.24 1.98 4.43
C HIS C 71 -16.38 1.56 3.48
N ILE C 72 -16.39 2.15 2.30
CA ILE C 72 -17.37 1.84 1.26
C ILE C 72 -16.52 1.15 0.18
N VAL C 73 -16.94 -0.02 -0.26
CA VAL C 73 -16.15 -0.78 -1.22
C VAL C 73 -16.96 -1.38 -2.38
N PHE C 74 -16.39 -1.29 -3.57
CA PHE C 74 -17.02 -1.81 -4.79
C PHE C 74 -16.19 -2.90 -5.44
N THR C 75 -16.86 -3.79 -6.16
CA THR C 75 -16.21 -4.83 -6.94
C THR C 75 -16.82 -4.70 -8.34
N PHE C 76 -15.99 -4.42 -9.34
CA PHE C 76 -16.47 -4.32 -10.71
C PHE C 76 -15.88 -5.44 -11.54
N HIS C 77 -16.55 -5.74 -12.65
CA HIS C 77 -16.10 -6.73 -13.60
C HIS C 77 -15.95 -5.86 -14.85
N VAL C 78 -14.73 -5.73 -15.34
CA VAL C 78 -14.46 -4.87 -16.49
C VAL C 78 -13.87 -5.56 -17.71
N LYS C 79 -14.32 -5.15 -18.89
CA LYS C 79 -13.82 -5.71 -20.14
C LYS C 79 -13.25 -4.52 -20.92
N ALA C 80 -11.95 -4.53 -21.17
CA ALA C 80 -11.30 -3.42 -21.87
C ALA C 80 -10.03 -3.82 -22.62
N PRO C 81 -9.61 -2.97 -23.58
CA PRO C 81 -8.40 -3.25 -24.37
C PRO C 81 -7.21 -3.20 -23.43
N ILE C 82 -6.19 -3.99 -23.71
CA ILE C 82 -5.02 -4.01 -22.86
C ILE C 82 -4.35 -2.65 -22.67
N PHE C 83 -4.30 -1.81 -23.71
CA PHE C 83 -3.66 -0.51 -23.52
C PHE C 83 -4.42 0.30 -22.48
N VAL C 84 -5.72 0.05 -22.35
CA VAL C 84 -6.54 0.74 -21.35
C VAL C 84 -6.29 0.11 -19.97
N ALA C 85 -6.27 -1.21 -19.91
CA ALA C 85 -6.02 -1.91 -18.64
C ALA C 85 -4.64 -1.57 -18.06
N ARG C 86 -3.64 -1.39 -18.92
CA ARG C 86 -2.29 -1.05 -18.44
C ARG C 86 -2.28 0.29 -17.71
N GLN C 87 -3.11 1.22 -18.17
CA GLN C 87 -3.19 2.53 -17.52
C GLN C 87 -3.99 2.35 -16.22
N TRP C 88 -5.08 1.59 -16.32
CA TRP C 88 -5.94 1.31 -15.18
C TRP C 88 -5.22 0.63 -14.00
N PHE C 89 -4.44 -0.42 -14.30
CA PHE C 89 -3.74 -1.17 -13.28
C PHE C 89 -2.66 -0.38 -12.55
N ARG C 90 -2.39 0.84 -13.01
CA ARG C 90 -1.39 1.68 -12.34
C ARG C 90 -1.91 2.14 -10.98
N HIS C 91 -3.21 2.00 -10.78
CA HIS C 91 -3.84 2.39 -9.52
C HIS C 91 -3.61 1.26 -8.51
N ARG C 92 -2.56 1.43 -7.72
CA ARG C 92 -2.11 0.45 -6.74
C ARG C 92 -2.99 0.16 -5.53
N ILE C 93 -3.77 1.14 -5.07
CA ILE C 93 -4.63 0.92 -3.92
C ILE C 93 -5.97 0.33 -4.38
N ALA C 94 -5.90 -0.93 -4.80
CA ALA C 94 -7.06 -1.67 -5.28
C ALA C 94 -6.61 -3.11 -5.52
N SER C 95 -7.58 -3.97 -5.81
CA SER C 95 -7.32 -5.39 -6.05
C SER C 95 -7.78 -5.81 -7.44
N TYR C 96 -6.94 -6.59 -8.12
CA TYR C 96 -7.24 -7.07 -9.46
C TYR C 96 -7.04 -8.57 -9.64
N ASN C 97 -7.79 -9.12 -10.58
CA ASN C 97 -7.72 -10.51 -11.00
C ASN C 97 -8.11 -10.44 -12.48
N GLU C 98 -7.16 -10.77 -13.34
CA GLU C 98 -7.35 -10.67 -14.78
C GLU C 98 -7.18 -11.96 -15.57
N LEU C 99 -7.85 -12.02 -16.71
CA LEU C 99 -7.77 -13.16 -17.62
C LEU C 99 -6.29 -13.31 -17.96
N SER C 100 -5.84 -14.56 -18.08
CA SER C 100 -4.44 -14.86 -18.37
C SER C 100 -4.19 -15.41 -19.76
N GLY C 101 -3.31 -14.73 -20.51
CA GLY C 101 -2.96 -15.16 -21.85
C GLY C 101 -1.99 -16.33 -21.80
N ARG C 102 -1.49 -16.62 -20.60
CA ARG C 102 -0.57 -17.73 -20.42
C ARG C 102 -1.34 -19.03 -20.29
N TYR C 103 -2.51 -18.95 -19.66
CA TYR C 103 -3.33 -20.14 -19.43
C TYR C 103 -4.59 -20.29 -20.28
N SER C 104 -5.04 -19.21 -20.90
CA SER C 104 -6.25 -19.27 -21.72
C SER C 104 -6.00 -18.95 -23.18
N LYS C 105 -6.75 -19.62 -24.04
CA LYS C 105 -6.66 -19.36 -25.46
C LYS C 105 -7.48 -18.07 -25.59
N LEU C 106 -6.88 -17.06 -26.20
CA LEU C 106 -7.56 -15.77 -26.33
C LEU C 106 -8.57 -15.69 -27.48
N SER C 107 -9.64 -14.94 -27.24
CA SER C 107 -10.70 -14.76 -28.22
C SER C 107 -10.39 -13.61 -29.17
N TYR C 108 -10.98 -13.68 -30.37
CA TYR C 108 -10.79 -12.67 -31.40
C TYR C 108 -11.63 -11.44 -31.07
N GLU C 109 -11.21 -10.67 -30.08
CA GLU C 109 -11.93 -9.47 -29.73
C GLU C 109 -10.96 -8.33 -29.52
N PHE C 110 -10.99 -7.36 -30.43
CA PHE C 110 -10.11 -6.21 -30.37
C PHE C 110 -10.89 -4.92 -30.50
N TYR C 111 -10.30 -3.85 -29.99
CA TYR C 111 -10.93 -2.55 -30.07
C TYR C 111 -10.49 -1.91 -31.38
N ILE C 112 -11.45 -1.67 -32.26
CA ILE C 112 -11.18 -1.04 -33.54
C ILE C 112 -11.81 0.34 -33.44
N PRO C 113 -10.98 1.40 -33.44
CA PRO C 113 -11.53 2.75 -33.36
C PRO C 113 -12.47 3.01 -34.53
N SER C 114 -13.56 3.71 -34.26
CA SER C 114 -14.51 4.05 -35.31
C SER C 114 -13.96 5.28 -36.02
N PRO C 115 -14.42 5.53 -37.26
CA PRO C 115 -13.94 6.71 -37.99
C PRO C 115 -14.14 7.97 -37.16
N GLU C 116 -15.18 7.95 -36.33
CA GLU C 116 -15.55 9.06 -35.46
C GLU C 116 -14.47 9.40 -34.43
N ARG C 117 -13.72 8.40 -33.99
CA ARG C 117 -12.65 8.60 -33.02
C ARG C 117 -11.60 9.59 -33.50
N LEU C 118 -11.46 9.72 -34.81
CA LEU C 118 -10.47 10.63 -35.37
C LEU C 118 -11.04 11.93 -35.94
N GLU C 119 -12.31 12.21 -35.63
CA GLU C 119 -12.91 13.45 -36.11
C GLU C 119 -12.28 14.56 -35.29
N GLY C 120 -11.74 15.56 -35.97
CA GLY C 120 -11.11 16.67 -35.26
C GLY C 120 -9.60 16.63 -35.46
N TYR C 121 -9.15 15.64 -36.23
CA TYR C 121 -7.73 15.49 -36.53
C TYR C 121 -7.53 15.53 -38.03
N LYS C 122 -6.48 16.22 -38.46
CA LYS C 122 -6.15 16.35 -39.87
C LYS C 122 -5.34 15.14 -40.33
N THR C 123 -6.00 14.20 -41.00
CA THR C 123 -5.32 13.01 -41.47
C THR C 123 -5.14 13.08 -42.99
N THR C 124 -4.10 12.42 -43.50
CA THR C 124 -3.85 12.41 -44.93
C THR C 124 -4.61 11.26 -45.60
N ILE C 125 -5.49 10.62 -44.83
CA ILE C 125 -6.30 9.53 -45.34
C ILE C 125 -7.65 9.52 -44.62
N PRO C 126 -8.70 9.06 -45.31
CA PRO C 126 -10.05 8.99 -44.74
C PRO C 126 -10.09 8.13 -43.48
N PRO C 127 -10.81 8.59 -42.44
CA PRO C 127 -10.93 7.83 -41.19
C PRO C 127 -11.26 6.36 -41.39
N GLU C 128 -12.12 6.06 -42.37
CA GLU C 128 -12.50 4.68 -42.63
C GLU C 128 -11.29 3.85 -43.03
N ARG C 129 -10.30 4.52 -43.62
CA ARG C 129 -9.08 3.86 -44.07
C ARG C 129 -8.22 3.45 -42.87
N VAL C 130 -8.26 4.27 -41.83
CA VAL C 130 -7.50 3.98 -40.62
C VAL C 130 -8.15 2.77 -39.95
N THR C 131 -9.46 2.71 -40.02
CA THR C 131 -10.21 1.60 -39.44
C THR C 131 -9.81 0.32 -40.16
N GLU C 132 -9.79 0.39 -41.49
CA GLU C 132 -9.43 -0.76 -42.30
C GLU C 132 -8.01 -1.23 -42.02
N LYS C 133 -7.08 -0.29 -41.89
CA LYS C 133 -5.69 -0.62 -41.63
C LYS C 133 -5.52 -1.27 -40.27
N ILE C 134 -6.18 -0.72 -39.25
CA ILE C 134 -6.09 -1.27 -37.91
C ILE C 134 -6.66 -2.69 -37.91
N SER C 135 -7.82 -2.87 -38.53
CA SER C 135 -8.45 -4.17 -38.58
C SER C 135 -7.64 -5.21 -39.36
N GLU C 136 -7.01 -4.77 -40.44
CA GLU C 136 -6.21 -5.69 -41.24
C GLU C 136 -5.07 -6.29 -40.44
N ILE C 137 -4.28 -5.44 -39.79
CA ILE C 137 -3.16 -5.91 -39.00
C ILE C 137 -3.67 -6.79 -37.85
N VAL C 138 -4.76 -6.38 -37.22
CA VAL C 138 -5.35 -7.17 -36.12
C VAL C 138 -5.67 -8.58 -36.62
N ASP C 139 -6.26 -8.64 -37.80
CA ASP C 139 -6.63 -9.92 -38.40
C ASP C 139 -5.41 -10.79 -38.70
N LYS C 140 -4.36 -10.18 -39.23
CA LYS C 140 -3.15 -10.92 -39.54
C LYS C 140 -2.52 -11.44 -38.26
N ALA C 141 -2.42 -10.58 -37.25
CA ALA C 141 -1.83 -10.97 -35.98
C ALA C 141 -2.56 -12.15 -35.35
N TYR C 142 -3.88 -12.09 -35.32
CA TYR C 142 -4.65 -13.17 -34.72
C TYR C 142 -4.45 -14.48 -35.47
N ARG C 143 -4.44 -14.43 -36.79
CA ARG C 143 -4.26 -15.63 -37.63
C ARG C 143 -2.92 -16.30 -37.30
N THR C 144 -1.89 -15.49 -37.10
CA THR C 144 -0.56 -16.00 -36.76
C THR C 144 -0.61 -16.65 -35.40
N TYR C 145 -1.32 -16.00 -34.48
CA TYR C 145 -1.47 -16.51 -33.12
C TYR C 145 -2.09 -17.90 -33.18
N LEU C 146 -3.17 -18.05 -33.93
CA LEU C 146 -3.84 -19.34 -34.05
C LEU C 146 -2.93 -20.39 -34.69
N GLU C 147 -2.22 -20.01 -35.75
CA GLU C 147 -1.32 -20.94 -36.42
C GLU C 147 -0.23 -21.39 -35.47
N LEU C 148 0.25 -20.48 -34.63
CA LEU C 148 1.28 -20.83 -33.67
C LEU C 148 0.73 -21.81 -32.64
N ILE C 149 -0.48 -21.56 -32.16
CA ILE C 149 -1.11 -22.43 -31.17
C ILE C 149 -1.30 -23.84 -31.71
N GLU C 150 -1.89 -23.94 -32.90
CA GLU C 150 -2.13 -25.24 -33.53
C GLU C 150 -0.83 -25.99 -33.72
N SER C 151 0.21 -25.26 -34.07
CA SER C 151 1.55 -25.80 -34.29
C SER C 151 2.21 -26.35 -33.03
N GLY C 152 1.60 -26.10 -31.87
CA GLY C 152 2.18 -26.60 -30.63
C GLY C 152 3.01 -25.57 -29.88
N VAL C 153 3.02 -24.33 -30.36
CA VAL C 153 3.77 -23.28 -29.67
C VAL C 153 3.00 -22.89 -28.42
N PRO C 154 3.70 -22.82 -27.27
CA PRO C 154 3.05 -22.45 -26.01
C PRO C 154 2.28 -21.12 -26.09
N ARG C 155 1.13 -21.08 -25.41
CA ARG C 155 0.27 -19.90 -25.38
C ARG C 155 1.01 -18.66 -24.90
N GLU C 156 1.72 -18.80 -23.78
CA GLU C 156 2.44 -17.68 -23.20
C GLU C 156 3.38 -17.03 -24.19
N VAL C 157 3.82 -17.82 -25.18
CA VAL C 157 4.72 -17.34 -26.21
C VAL C 157 3.99 -16.90 -27.48
N ALA C 158 2.99 -17.68 -27.89
CA ALA C 158 2.22 -17.39 -29.09
C ALA C 158 1.46 -16.06 -29.03
N ARG C 159 1.06 -15.65 -27.83
CA ARG C 159 0.29 -14.42 -27.68
C ARG C 159 1.09 -13.12 -27.75
N ILE C 160 2.42 -13.21 -27.85
CA ILE C 160 3.22 -12.00 -27.90
C ILE C 160 3.11 -11.26 -29.23
N VAL C 161 2.48 -11.88 -30.22
CA VAL C 161 2.30 -11.24 -31.53
C VAL C 161 0.98 -10.46 -31.54
N LEU C 162 0.16 -10.65 -30.51
CA LEU C 162 -1.12 -9.96 -30.41
C LEU C 162 -0.94 -8.50 -30.01
N PRO C 163 -1.60 -7.58 -30.74
CA PRO C 163 -1.54 -6.12 -30.51
C PRO C 163 -2.22 -5.63 -29.22
N LEU C 164 -1.84 -4.43 -28.80
CA LEU C 164 -2.34 -3.79 -27.59
C LEU C 164 -3.84 -3.53 -27.52
N ASN C 165 -4.54 -3.67 -28.65
CA ASN C 165 -5.98 -3.43 -28.61
C ASN C 165 -6.77 -4.68 -28.29
N LEU C 166 -6.07 -5.75 -27.94
CA LEU C 166 -6.72 -7.01 -27.57
C LEU C 166 -7.53 -6.75 -26.30
N TYR C 167 -8.76 -7.26 -26.23
CA TYR C 167 -9.59 -7.07 -25.05
C TYR C 167 -9.28 -8.08 -23.96
N THR C 168 -9.21 -7.59 -22.72
CA THR C 168 -8.97 -8.45 -21.58
C THR C 168 -10.13 -8.21 -20.61
N ARG C 169 -10.23 -9.04 -19.57
CA ARG C 169 -11.28 -8.88 -18.58
C ARG C 169 -10.70 -9.05 -17.19
N PHE C 170 -11.22 -8.28 -16.24
CA PHE C 170 -10.73 -8.38 -14.87
C PHE C 170 -11.76 -7.97 -13.84
N PHE C 171 -11.52 -8.41 -12.61
CA PHE C 171 -12.35 -8.06 -11.48
C PHE C 171 -11.54 -6.99 -10.76
N TRP C 172 -12.20 -5.91 -10.35
CA TRP C 172 -11.55 -4.78 -9.68
C TRP C 172 -12.30 -4.47 -8.39
N THR C 173 -11.61 -4.58 -7.26
CA THR C 173 -12.21 -4.26 -5.96
C THR C 173 -11.46 -3.03 -5.45
N VAL C 174 -12.21 -1.97 -5.18
CA VAL C 174 -11.63 -0.69 -4.77
C VAL C 174 -12.55 0.05 -3.80
N ASN C 175 -11.98 0.76 -2.83
CA ASN C 175 -12.82 1.49 -1.89
C ASN C 175 -13.19 2.87 -2.47
N ALA C 176 -14.23 3.49 -1.93
CA ALA C 176 -14.71 4.78 -2.42
C ALA C 176 -13.65 5.87 -2.48
N ARG C 177 -12.76 5.91 -1.50
CA ARG C 177 -11.70 6.92 -1.50
C ARG C 177 -10.81 6.72 -2.72
N SER C 178 -10.32 5.50 -2.88
CA SER C 178 -9.45 5.18 -4.00
C SER C 178 -10.19 5.37 -5.33
N LEU C 179 -11.49 5.10 -5.33
CA LEU C 179 -12.30 5.25 -6.53
C LEU C 179 -12.37 6.73 -6.92
N MET C 180 -12.45 7.61 -5.93
CA MET C 180 -12.50 9.04 -6.22
C MET C 180 -11.16 9.51 -6.81
N ASN C 181 -10.05 8.96 -6.32
CA ASN C 181 -8.73 9.32 -6.85
C ASN C 181 -8.67 8.90 -8.32
N PHE C 182 -9.20 7.72 -8.61
CA PHE C 182 -9.24 7.19 -9.97
C PHE C 182 -10.02 8.16 -10.85
N LEU C 183 -11.19 8.60 -10.39
CA LEU C 183 -12.00 9.53 -11.16
C LEU C 183 -11.23 10.83 -11.42
N ASN C 184 -10.57 11.35 -10.38
CA ASN C 184 -9.79 12.58 -10.52
C ASN C 184 -8.78 12.50 -11.65
N LEU C 185 -8.13 11.35 -11.76
CA LEU C 185 -7.11 11.14 -12.78
C LEU C 185 -7.64 10.72 -14.14
N ARG C 186 -8.60 9.81 -14.16
CA ARG C 186 -9.14 9.29 -15.41
C ARG C 186 -10.37 9.99 -15.99
N ALA C 187 -11.23 10.55 -15.14
CA ALA C 187 -12.40 11.28 -15.63
C ALA C 187 -11.90 12.69 -15.87
N ASP C 188 -11.00 12.84 -16.85
CA ASP C 188 -10.41 14.13 -17.16
C ASP C 188 -9.94 14.14 -18.61
N SER C 189 -10.05 15.30 -19.26
CA SER C 189 -9.68 15.43 -20.66
C SER C 189 -8.22 15.10 -20.96
N HIS C 190 -7.36 15.12 -19.94
CA HIS C 190 -5.95 14.80 -20.13
C HIS C 190 -5.70 13.30 -20.24
N ALA C 191 -6.60 12.50 -19.68
CA ALA C 191 -6.45 11.05 -19.76
C ALA C 191 -6.85 10.65 -21.17
N GLN C 192 -6.33 9.51 -21.64
CA GLN C 192 -6.68 9.07 -22.98
C GLN C 192 -8.19 8.91 -23.07
N TRP C 193 -8.77 9.30 -24.21
CA TRP C 193 -10.21 9.23 -24.42
C TRP C 193 -10.82 7.88 -24.05
N GLU C 194 -10.19 6.79 -24.49
CA GLU C 194 -10.71 5.46 -24.20
C GLU C 194 -10.91 5.18 -22.70
N ILE C 195 -9.97 5.56 -21.83
CA ILE C 195 -10.19 5.29 -20.40
C ILE C 195 -11.19 6.29 -19.84
N GLN C 196 -11.27 7.47 -20.45
CA GLN C 196 -12.24 8.48 -20.01
C GLN C 196 -13.62 7.86 -20.02
N GLN C 197 -13.92 7.14 -21.10
CA GLN C 197 -15.21 6.48 -21.28
C GLN C 197 -15.51 5.50 -20.15
N TYR C 198 -14.51 4.72 -19.76
CA TYR C 198 -14.69 3.79 -18.66
C TYR C 198 -14.92 4.54 -17.35
N ALA C 199 -14.17 5.62 -17.16
CA ALA C 199 -14.32 6.43 -15.94
C ALA C 199 -15.74 6.95 -15.78
N LEU C 200 -16.36 7.34 -16.90
CA LEU C 200 -17.74 7.86 -16.86
C LEU C 200 -18.68 6.77 -16.38
N ALA C 201 -18.48 5.55 -16.87
CA ALA C 201 -19.32 4.43 -16.47
C ALA C 201 -19.10 4.14 -14.99
N ILE C 202 -17.84 4.17 -14.54
CA ILE C 202 -17.54 3.93 -13.13
C ILE C 202 -18.24 4.98 -12.25
N ALA C 203 -18.21 6.24 -12.69
CA ALA C 203 -18.83 7.33 -11.96
C ALA C 203 -20.35 7.18 -11.82
N ARG C 204 -21.00 6.75 -12.88
CA ARG C 204 -22.46 6.58 -12.87
C ARG C 204 -22.89 5.57 -11.81
N ILE C 205 -22.20 4.43 -11.77
CA ILE C 205 -22.51 3.39 -10.80
C ILE C 205 -22.21 3.89 -9.39
N PHE C 206 -21.11 4.63 -9.26
CA PHE C 206 -20.72 5.19 -7.95
C PHE C 206 -21.79 6.17 -7.48
N LYS C 207 -22.23 7.04 -8.39
CA LYS C 207 -23.27 8.02 -8.08
C LYS C 207 -24.57 7.31 -7.69
N GLU C 208 -24.83 6.18 -8.35
CA GLU C 208 -26.04 5.39 -8.07
C GLU C 208 -26.06 4.80 -6.67
N LYS C 209 -24.91 4.27 -6.23
CA LYS C 209 -24.83 3.66 -4.91
C LYS C 209 -24.51 4.62 -3.77
N CYS C 210 -23.77 5.69 -4.06
CA CYS C 210 -23.40 6.67 -3.04
C CYS C 210 -23.66 8.08 -3.54
N PRO C 211 -24.94 8.43 -3.72
CA PRO C 211 -25.30 9.76 -4.22
C PRO C 211 -24.77 10.94 -3.39
N TRP C 212 -24.77 10.82 -2.07
CA TRP C 212 -24.29 11.92 -1.23
C TRP C 212 -22.78 12.13 -1.32
N THR C 213 -22.03 11.02 -1.36
CA THR C 213 -20.58 11.12 -1.45
C THR C 213 -20.22 11.72 -2.81
N PHE C 214 -20.84 11.19 -3.86
CA PHE C 214 -20.60 11.66 -5.21
C PHE C 214 -20.83 13.16 -5.37
N GLU C 215 -21.99 13.64 -4.93
CA GLU C 215 -22.29 15.07 -5.06
C GLU C 215 -21.30 15.91 -4.24
N ALA C 216 -20.95 15.43 -3.05
CA ALA C 216 -20.00 16.13 -2.19
C ALA C 216 -18.64 16.12 -2.86
N PHE C 217 -18.32 14.99 -3.49
CA PHE C 217 -17.06 14.82 -4.21
C PHE C 217 -16.91 15.86 -5.32
N LEU C 218 -17.92 15.93 -6.20
CA LEU C 218 -17.90 16.87 -7.32
C LEU C 218 -17.85 18.31 -6.85
N LYS C 219 -18.56 18.59 -5.77
CA LYS C 219 -18.67 19.91 -5.21
C LYS C 219 -17.39 20.43 -4.53
N TYR C 220 -16.68 19.55 -3.83
CA TYR C 220 -15.50 19.97 -3.10
C TYR C 220 -14.12 19.40 -3.44
N ALA C 221 -14.07 18.16 -3.91
CA ALA C 221 -12.76 17.56 -4.16
C ALA C 221 -12.39 17.19 -5.59
N TYR C 222 -13.39 16.91 -6.43
CA TYR C 222 -13.12 16.52 -7.81
C TYR C 222 -12.20 17.51 -8.54
N LYS C 223 -11.09 16.98 -9.07
CA LYS C 223 -10.11 17.79 -9.76
C LYS C 223 -10.21 17.73 -11.28
N GLY C 224 -10.92 16.73 -11.80
CA GLY C 224 -11.05 16.61 -13.24
C GLY C 224 -12.02 17.62 -13.82
N ASP C 225 -12.28 17.53 -15.11
CA ASP C 225 -13.21 18.46 -15.75
C ASP C 225 -14.50 17.85 -16.28
N ILE C 226 -14.41 16.75 -17.01
CA ILE C 226 -15.60 16.15 -17.62
C ILE C 226 -16.81 15.82 -16.75
N LEU C 227 -16.60 15.34 -15.52
CA LEU C 227 -17.75 14.99 -14.68
C LEU C 227 -18.68 16.16 -14.37
N LYS C 228 -18.17 17.38 -14.38
CA LYS C 228 -19.02 18.53 -14.11
C LYS C 228 -19.83 18.86 -15.35
N GLU C 229 -19.50 18.20 -16.47
CA GLU C 229 -20.18 18.40 -17.74
C GLU C 229 -21.24 17.30 -17.86
N VAL C 230 -20.92 16.25 -18.62
CA VAL C 230 -21.85 15.14 -18.82
C VAL C 230 -22.44 14.68 -17.49
N GLN C 231 -23.77 14.69 -17.41
CA GLN C 231 -24.46 14.30 -16.18
C GLN C 231 -24.30 12.82 -15.82
N VAL C 232 -24.49 12.53 -14.53
CA VAL C 232 -24.36 11.20 -13.92
C VAL C 232 -23.05 10.47 -14.23
N MET D 13 -23.30 -10.06 14.98
CA MET D 13 -22.23 -10.87 15.63
C MET D 13 -21.29 -10.03 16.47
N LYS D 14 -21.33 -10.24 17.78
CA LYS D 14 -20.47 -9.52 18.71
C LYS D 14 -19.80 -10.52 19.64
N ILE D 15 -18.57 -10.23 20.03
CA ILE D 15 -17.83 -11.11 20.93
C ILE D 15 -17.09 -10.24 21.94
N ASP D 16 -17.32 -10.51 23.23
CA ASP D 16 -16.65 -9.74 24.29
C ASP D 16 -15.23 -10.24 24.49
N ILE D 17 -14.30 -9.31 24.70
CA ILE D 17 -12.90 -9.64 24.88
C ILE D 17 -12.37 -8.93 26.11
N LEU D 18 -11.46 -9.58 26.84
CA LEU D 18 -10.88 -9.00 28.05
C LEU D 18 -12.00 -8.65 29.01
N ASP D 19 -11.82 -7.61 29.81
CA ASP D 19 -12.84 -7.24 30.78
C ASP D 19 -13.92 -6.30 30.30
N LYS D 20 -13.62 -5.44 29.33
CA LYS D 20 -14.61 -4.49 28.83
C LYS D 20 -14.57 -4.31 27.32
N GLY D 21 -13.76 -5.10 26.63
CA GLY D 21 -13.67 -4.96 25.19
C GLY D 21 -14.60 -5.82 24.37
N PHE D 22 -14.54 -5.64 23.06
CA PHE D 22 -15.36 -6.41 22.14
C PHE D 22 -14.95 -6.24 20.70
N VAL D 23 -15.45 -7.15 19.88
CA VAL D 23 -15.24 -7.14 18.44
C VAL D 23 -16.61 -7.48 17.87
N GLU D 24 -17.12 -6.62 17.00
CA GLU D 24 -18.41 -6.91 16.39
C GLU D 24 -18.36 -6.61 14.91
N LEU D 25 -18.97 -7.48 14.14
CA LEU D 25 -19.03 -7.33 12.69
C LEU D 25 -20.05 -6.27 12.35
N VAL D 26 -19.65 -5.30 11.54
CA VAL D 26 -20.54 -4.22 11.14
C VAL D 26 -21.08 -4.51 9.74
N ASP D 27 -20.24 -5.08 8.89
CA ASP D 27 -20.66 -5.38 7.53
C ASP D 27 -19.67 -6.33 6.89
N VAL D 28 -20.04 -6.86 5.72
CA VAL D 28 -19.20 -7.78 4.99
C VAL D 28 -19.64 -7.80 3.52
N MET D 29 -18.67 -7.85 2.62
CA MET D 29 -18.97 -7.92 1.20
C MET D 29 -18.44 -9.25 0.64
N GLY D 30 -19.35 -10.06 0.12
CA GLY D 30 -18.97 -11.33 -0.46
C GLY D 30 -18.90 -12.51 0.48
N ASN D 31 -18.49 -13.65 -0.07
CA ASN D 31 -18.33 -14.89 0.69
C ASN D 31 -17.29 -15.73 -0.05
N ASP D 32 -17.21 -17.02 0.29
CA ASP D 32 -16.26 -17.92 -0.34
C ASP D 32 -16.38 -17.88 -1.86
N LEU D 33 -17.60 -17.72 -2.36
CA LEU D 33 -17.83 -17.68 -3.80
C LEU D 33 -17.27 -16.45 -4.47
N SER D 34 -17.08 -15.37 -3.70
CA SER D 34 -16.53 -14.13 -4.22
C SER D 34 -15.09 -14.36 -4.68
N ALA D 35 -14.38 -15.24 -3.99
CA ALA D 35 -12.99 -15.54 -4.34
C ALA D 35 -12.94 -16.48 -5.53
N VAL D 36 -13.92 -17.36 -5.61
CA VAL D 36 -14.00 -18.33 -6.69
C VAL D 36 -14.23 -17.60 -8.01
N ARG D 37 -15.20 -16.70 -8.01
CA ARG D 37 -15.55 -15.93 -9.20
C ARG D 37 -14.40 -15.09 -9.71
N ALA D 38 -13.70 -14.41 -8.81
CA ALA D 38 -12.58 -13.57 -9.18
C ALA D 38 -11.44 -14.38 -9.80
N ALA D 39 -11.14 -15.53 -9.20
CA ALA D 39 -10.08 -16.38 -9.71
C ALA D 39 -10.47 -17.04 -11.04
N ARG D 40 -11.77 -17.22 -11.27
CA ARG D 40 -12.26 -17.85 -12.50
C ARG D 40 -12.13 -16.95 -13.71
N VAL D 41 -11.70 -15.71 -13.50
CA VAL D 41 -11.53 -14.80 -14.62
C VAL D 41 -10.22 -15.11 -15.35
N SER D 42 -9.23 -15.61 -14.61
CA SER D 42 -7.93 -15.95 -15.18
C SER D 42 -8.06 -16.94 -16.33
N PHE D 43 -8.99 -17.88 -16.19
CA PHE D 43 -9.21 -18.90 -17.20
C PHE D 43 -10.50 -18.65 -17.98
N LYS D 48 -19.22 -23.07 -10.60
CA LYS D 48 -19.47 -24.46 -10.95
C LYS D 48 -20.33 -25.12 -9.89
N ASP D 49 -19.89 -26.28 -9.40
CA ASP D 49 -20.62 -26.98 -8.35
C ASP D 49 -19.85 -26.90 -7.04
N GLU D 50 -20.58 -27.02 -5.93
CA GLU D 50 -19.96 -26.96 -4.61
C GLU D 50 -18.64 -27.68 -4.56
N GLU D 51 -18.61 -28.90 -5.10
CA GLU D 51 -17.40 -29.69 -5.11
C GLU D 51 -16.26 -28.97 -5.80
N ARG D 52 -16.41 -28.70 -7.09
CA ARG D 52 -15.36 -28.04 -7.86
C ARG D 52 -14.95 -26.68 -7.30
N ASP D 53 -15.90 -25.92 -6.80
CA ASP D 53 -15.60 -24.61 -6.25
C ASP D 53 -14.76 -24.69 -4.98
N ARG D 54 -15.18 -25.53 -4.04
CA ARG D 54 -14.44 -25.67 -2.81
C ARG D 54 -13.03 -26.23 -3.07
N HIS D 55 -12.92 -27.06 -4.10
CA HIS D 55 -11.63 -27.64 -4.44
C HIS D 55 -10.72 -26.55 -4.98
N LEU D 56 -11.32 -25.55 -5.63
CA LEU D 56 -10.57 -24.43 -6.18
C LEU D 56 -9.97 -23.63 -5.03
N ILE D 57 -10.80 -23.35 -4.03
CA ILE D 57 -10.35 -22.58 -2.86
C ILE D 57 -9.18 -23.26 -2.16
N GLU D 58 -9.25 -24.58 -2.00
CA GLU D 58 -8.16 -25.30 -1.36
C GLU D 58 -6.96 -25.27 -2.28
N TYR D 59 -7.23 -25.22 -3.59
CA TYR D 59 -6.16 -25.17 -4.58
C TYR D 59 -5.42 -23.82 -4.48
N LEU D 60 -6.17 -22.73 -4.49
CA LEU D 60 -5.59 -21.39 -4.40
C LEU D 60 -4.84 -21.22 -3.09
N MET D 61 -5.44 -21.66 -1.99
CA MET D 61 -4.84 -21.55 -0.67
C MET D 61 -3.54 -22.37 -0.61
N LYS D 62 -3.60 -23.57 -1.18
CA LYS D 62 -2.45 -24.47 -1.19
C LYS D 62 -1.25 -23.92 -1.97
N HIS D 63 -1.50 -23.27 -3.10
CA HIS D 63 -0.43 -22.74 -3.93
C HIS D 63 -0.03 -21.28 -3.72
N GLY D 64 -0.51 -20.66 -2.64
CA GLY D 64 -0.15 -19.28 -2.37
C GLY D 64 -0.80 -18.23 -3.27
N HIS D 65 -1.92 -18.57 -3.90
CA HIS D 65 -2.61 -17.61 -4.75
C HIS D 65 -3.57 -16.85 -3.85
N GLU D 66 -3.08 -15.75 -3.29
CA GLU D 66 -3.85 -14.96 -2.36
C GLU D 66 -4.77 -13.86 -2.89
N THR D 67 -4.48 -13.32 -4.07
CA THR D 67 -5.27 -12.23 -4.63
C THR D 67 -6.79 -12.44 -4.70
N PRO D 68 -7.26 -13.64 -5.05
CA PRO D 68 -8.72 -13.84 -5.12
C PRO D 68 -9.45 -13.53 -3.82
N PHE D 69 -8.77 -13.71 -2.70
CA PHE D 69 -9.38 -13.46 -1.40
C PHE D 69 -9.48 -11.98 -1.01
N GLU D 70 -8.84 -11.13 -1.82
CA GLU D 70 -8.88 -9.70 -1.57
C GLU D 70 -10.26 -9.12 -1.94
N HIS D 71 -11.06 -9.92 -2.63
CA HIS D 71 -12.38 -9.49 -3.07
C HIS D 71 -13.50 -9.77 -2.05
N ILE D 72 -13.08 -10.16 -0.85
CA ILE D 72 -13.98 -10.41 0.25
C ILE D 72 -13.50 -9.36 1.25
N VAL D 73 -14.43 -8.56 1.76
CA VAL D 73 -14.05 -7.50 2.70
C VAL D 73 -14.95 -7.46 3.92
N PHE D 74 -14.35 -7.12 5.06
CA PHE D 74 -15.06 -7.02 6.33
C PHE D 74 -14.87 -5.63 6.97
N THR D 75 -15.81 -5.26 7.84
CA THR D 75 -15.73 -4.03 8.60
C THR D 75 -16.11 -4.39 10.02
N PHE D 76 -15.16 -4.22 10.94
CA PHE D 76 -15.39 -4.53 12.33
C PHE D 76 -15.45 -3.25 13.17
N HIS D 77 -16.11 -3.36 14.32
CA HIS D 77 -16.18 -2.26 15.26
C HIS D 77 -15.49 -2.88 16.46
N VAL D 78 -14.33 -2.35 16.82
CA VAL D 78 -13.52 -2.89 17.91
C VAL D 78 -13.32 -1.96 19.10
N LYS D 79 -13.42 -2.54 20.29
CA LYS D 79 -13.19 -1.81 21.54
C LYS D 79 -12.01 -2.50 22.19
N ALA D 80 -10.90 -1.79 22.35
CA ALA D 80 -9.70 -2.38 22.92
C ALA D 80 -8.80 -1.34 23.56
N PRO D 81 -7.90 -1.79 24.45
CA PRO D 81 -6.94 -0.91 25.14
C PRO D 81 -5.99 -0.32 24.10
N ILE D 82 -5.49 0.89 24.35
CA ILE D 82 -4.56 1.51 23.40
C ILE D 82 -3.31 0.69 23.08
N PHE D 83 -2.75 -0.01 24.07
CA PHE D 83 -1.54 -0.79 23.81
C PHE D 83 -1.83 -1.95 22.85
N VAL D 84 -3.07 -2.43 22.85
CA VAL D 84 -3.44 -3.50 21.91
C VAL D 84 -3.63 -2.82 20.54
N ALA D 85 -4.37 -1.72 20.54
CA ALA D 85 -4.62 -0.98 19.29
C ALA D 85 -3.33 -0.55 18.61
N ARG D 86 -2.34 -0.13 19.38
CA ARG D 86 -1.06 0.31 18.79
C ARG D 86 -0.42 -0.80 17.99
N GLN D 87 -0.56 -2.04 18.46
CA GLN D 87 0.00 -3.16 17.74
C GLN D 87 -0.86 -3.45 16.52
N TRP D 88 -2.18 -3.43 16.74
CA TRP D 88 -3.17 -3.69 15.71
C TRP D 88 -3.03 -2.74 14.53
N PHE D 89 -2.87 -1.45 14.82
CA PHE D 89 -2.74 -0.45 13.78
C PHE D 89 -1.48 -0.54 12.92
N ARG D 90 -0.54 -1.41 13.30
CA ARG D 90 0.68 -1.56 12.52
C ARG D 90 0.38 -2.32 11.22
N HIS D 91 -0.84 -2.85 11.10
CA HIS D 91 -1.25 -3.57 9.92
C HIS D 91 -1.75 -2.52 8.92
N ARG D 92 -0.88 -2.17 7.98
CA ARG D 92 -1.14 -1.11 7.01
C ARG D 92 -2.12 -1.40 5.87
N ILE D 93 -2.26 -2.66 5.48
CA ILE D 93 -3.18 -2.96 4.39
C ILE D 93 -4.60 -3.11 4.93
N ALA D 94 -5.13 -1.98 5.39
CA ALA D 94 -6.48 -1.92 5.96
C ALA D 94 -6.82 -0.44 6.25
N SER D 95 -8.08 -0.18 6.58
CA SER D 95 -8.53 1.18 6.86
C SER D 95 -8.99 1.32 8.30
N TYR D 96 -8.78 2.50 8.89
CA TYR D 96 -9.15 2.75 10.28
C TYR D 96 -9.77 4.11 10.55
N ASN D 97 -10.60 4.15 11.58
CA ASN D 97 -11.23 5.36 12.08
C ASN D 97 -11.40 5.07 13.56
N GLU D 98 -10.71 5.86 14.38
CA GLU D 98 -10.71 5.68 15.83
C GLU D 98 -11.14 6.90 16.61
N LEU D 99 -11.66 6.67 17.80
CA LEU D 99 -12.10 7.76 18.69
C LEU D 99 -10.92 8.70 18.95
N SER D 100 -11.18 10.00 18.95
CA SER D 100 -10.14 10.99 19.16
C SER D 100 -10.07 11.57 20.58
N GLY D 101 -8.91 11.42 21.21
CA GLY D 101 -8.74 11.95 22.55
C GLY D 101 -8.54 13.45 22.56
N ARG D 102 -8.35 14.07 21.41
CA ARG D 102 -8.18 15.51 21.41
C ARG D 102 -9.49 16.25 21.15
N TYR D 103 -10.49 15.53 20.65
CA TYR D 103 -11.79 16.16 20.38
C TYR D 103 -12.88 15.80 21.37
N SER D 104 -12.93 14.54 21.82
CA SER D 104 -13.97 14.15 22.77
C SER D 104 -13.41 13.86 24.14
N LYS D 105 -14.26 13.99 25.15
CA LYS D 105 -13.87 13.71 26.53
C LYS D 105 -13.75 12.20 26.62
N LEU D 106 -12.68 11.72 27.25
CA LEU D 106 -12.47 10.28 27.36
C LEU D 106 -13.20 9.65 28.53
N SER D 107 -13.73 8.44 28.30
CA SER D 107 -14.48 7.70 29.31
C SER D 107 -13.58 7.00 30.31
N TYR D 108 -14.14 6.75 31.49
CA TYR D 108 -13.42 6.06 32.54
C TYR D 108 -13.55 4.56 32.30
N GLU D 109 -12.71 4.04 31.40
CA GLU D 109 -12.71 2.62 31.09
C GLU D 109 -11.30 2.16 30.78
N PHE D 110 -10.79 1.26 31.61
CA PHE D 110 -9.44 0.74 31.44
C PHE D 110 -9.42 -0.77 31.54
N TYR D 111 -8.39 -1.38 30.96
CA TYR D 111 -8.25 -2.82 31.02
C TYR D 111 -7.46 -3.18 32.26
N ILE D 112 -8.11 -3.87 33.18
CA ILE D 112 -7.47 -4.32 34.40
C ILE D 112 -7.32 -5.83 34.26
N PRO D 113 -6.08 -6.31 34.11
CA PRO D 113 -5.85 -7.75 33.97
C PRO D 113 -6.44 -8.53 35.15
N SER D 114 -6.86 -9.75 34.90
CA SER D 114 -7.40 -10.58 35.97
C SER D 114 -6.17 -11.21 36.62
N PRO D 115 -6.30 -11.65 37.88
CA PRO D 115 -5.15 -12.26 38.55
C PRO D 115 -4.58 -13.45 37.79
N GLU D 116 -5.44 -14.17 37.07
CA GLU D 116 -5.00 -15.32 36.31
C GLU D 116 -4.03 -14.93 35.20
N ARG D 117 -3.99 -13.65 34.87
CA ARG D 117 -3.08 -13.18 33.81
C ARG D 117 -1.62 -13.44 34.14
N LEU D 118 -1.27 -13.40 35.42
CA LEU D 118 0.12 -13.62 35.83
C LEU D 118 0.39 -15.08 36.17
N GLU D 119 -0.54 -15.94 35.76
CA GLU D 119 -0.41 -17.36 36.03
C GLU D 119 0.83 -17.89 35.32
N GLY D 120 1.60 -18.71 36.03
CA GLY D 120 2.80 -19.26 35.43
C GLY D 120 4.02 -18.45 35.84
N TYR D 121 3.78 -17.19 36.21
CA TYR D 121 4.87 -16.33 36.62
C TYR D 121 4.96 -16.30 38.14
N LYS D 122 6.19 -16.39 38.65
CA LYS D 122 6.43 -16.37 40.08
C LYS D 122 6.80 -14.93 40.46
N THR D 123 5.81 -14.18 40.93
CA THR D 123 6.04 -12.78 41.29
C THR D 123 6.07 -12.51 42.78
N THR D 124 6.98 -11.61 43.17
CA THR D 124 7.15 -11.21 44.56
C THR D 124 5.86 -10.61 45.09
N ILE D 125 5.05 -10.08 44.18
CA ILE D 125 3.78 -9.47 44.54
C ILE D 125 2.62 -10.35 44.07
N PRO D 126 1.74 -10.75 45.01
CA PRO D 126 0.59 -11.60 44.66
C PRO D 126 -0.20 -11.05 43.48
N PRO D 127 -0.56 -11.90 42.52
CA PRO D 127 -1.33 -11.50 41.33
C PRO D 127 -2.49 -10.54 41.64
N GLU D 128 -3.21 -10.81 42.73
CA GLU D 128 -4.33 -9.95 43.13
C GLU D 128 -3.79 -8.56 43.49
N ARG D 129 -2.60 -8.54 44.08
CA ARG D 129 -1.99 -7.27 44.47
C ARG D 129 -1.53 -6.49 43.25
N VAL D 130 -1.01 -7.20 42.25
CA VAL D 130 -0.55 -6.59 41.01
C VAL D 130 -1.74 -5.91 40.32
N THR D 131 -2.86 -6.63 40.28
CA THR D 131 -4.09 -6.13 39.68
C THR D 131 -4.54 -4.83 40.34
N GLU D 132 -4.36 -4.77 41.66
CA GLU D 132 -4.76 -3.60 42.44
C GLU D 132 -3.89 -2.36 42.19
N LYS D 133 -2.58 -2.57 42.03
CA LYS D 133 -1.69 -1.43 41.77
C LYS D 133 -2.02 -0.82 40.40
N ILE D 134 -2.45 -1.66 39.46
CA ILE D 134 -2.80 -1.16 38.13
C ILE D 134 -4.07 -0.33 38.20
N SER D 135 -5.08 -0.82 38.91
CA SER D 135 -6.33 -0.07 39.07
C SER D 135 -6.05 1.24 39.79
N GLU D 136 -5.16 1.19 40.78
CA GLU D 136 -4.80 2.38 41.56
C GLU D 136 -4.24 3.49 40.68
N ILE D 137 -3.22 3.15 39.90
CA ILE D 137 -2.58 4.10 39.00
C ILE D 137 -3.58 4.67 38.01
N VAL D 138 -4.43 3.79 37.49
CA VAL D 138 -5.47 4.16 36.53
C VAL D 138 -6.42 5.18 37.15
N ASP D 139 -6.84 4.91 38.38
CA ASP D 139 -7.75 5.79 39.08
C ASP D 139 -7.14 7.17 39.29
N LYS D 140 -5.93 7.21 39.81
CA LYS D 140 -5.24 8.47 40.05
C LYS D 140 -4.96 9.24 38.76
N ALA D 141 -4.57 8.53 37.72
CA ALA D 141 -4.29 9.16 36.44
C ALA D 141 -5.56 9.81 35.89
N TYR D 142 -6.67 9.06 35.89
CA TYR D 142 -7.92 9.59 35.37
C TYR D 142 -8.41 10.80 36.15
N ARG D 143 -8.22 10.79 37.47
CA ARG D 143 -8.63 11.93 38.30
C ARG D 143 -7.84 13.17 37.89
N THR D 144 -6.54 13.01 37.72
CA THR D 144 -5.69 14.13 37.31
C THR D 144 -6.18 14.68 35.98
N TYR D 145 -6.55 13.76 35.09
CA TYR D 145 -7.05 14.12 33.77
C TYR D 145 -8.28 15.04 33.91
N LEU D 146 -9.30 14.55 34.60
CA LEU D 146 -10.52 15.31 34.82
C LEU D 146 -10.20 16.63 35.51
N GLU D 147 -9.29 16.55 36.48
CA GLU D 147 -8.84 17.71 37.23
C GLU D 147 -8.27 18.76 36.28
N LEU D 148 -7.44 18.32 35.35
CA LEU D 148 -6.82 19.22 34.38
C LEU D 148 -7.87 19.84 33.47
N ILE D 149 -8.77 19.02 32.96
CA ILE D 149 -9.80 19.52 32.08
C ILE D 149 -10.63 20.60 32.76
N GLU D 150 -11.11 20.34 33.97
CA GLU D 150 -11.92 21.33 34.68
C GLU D 150 -11.15 22.61 34.99
N SER D 151 -9.82 22.56 34.94
CA SER D 151 -8.98 23.72 35.20
C SER D 151 -8.86 24.57 33.93
N GLY D 152 -9.35 24.02 32.82
CA GLY D 152 -9.27 24.74 31.56
C GLY D 152 -8.18 24.25 30.61
N VAL D 153 -7.51 23.16 30.97
CA VAL D 153 -6.46 22.60 30.13
C VAL D 153 -7.13 21.89 28.96
N PRO D 154 -6.70 22.17 27.72
CA PRO D 154 -7.34 21.50 26.58
C PRO D 154 -7.19 19.98 26.65
N ARG D 155 -8.22 19.28 26.20
CA ARG D 155 -8.27 17.82 26.20
C ARG D 155 -7.04 17.14 25.60
N GLU D 156 -6.57 17.64 24.46
CA GLU D 156 -5.42 17.06 23.77
C GLU D 156 -4.16 17.04 24.64
N VAL D 157 -4.12 17.92 25.64
CA VAL D 157 -2.97 17.98 26.55
C VAL D 157 -3.23 17.19 27.83
N ALA D 158 -4.43 17.34 28.39
CA ALA D 158 -4.81 16.67 29.62
C ALA D 158 -4.79 15.15 29.51
N ARG D 159 -5.06 14.65 28.30
CA ARG D 159 -5.13 13.22 28.07
C ARG D 159 -3.77 12.53 28.06
N ILE D 160 -2.69 13.30 28.02
CA ILE D 160 -1.36 12.70 27.97
C ILE D 160 -0.95 12.00 29.26
N VAL D 161 -1.73 12.21 30.32
CA VAL D 161 -1.43 11.57 31.60
C VAL D 161 -2.11 10.20 31.71
N LEU D 162 -3.02 9.91 30.79
CA LEU D 162 -3.73 8.63 30.81
C LEU D 162 -2.85 7.46 30.38
N PRO D 163 -2.92 6.34 31.11
CA PRO D 163 -2.14 5.12 30.83
C PRO D 163 -2.52 4.33 29.58
N LEU D 164 -1.56 3.53 29.11
CA LEU D 164 -1.75 2.71 27.91
C LEU D 164 -2.91 1.71 27.96
N ASN D 165 -3.46 1.43 29.12
CA ASN D 165 -4.55 0.47 29.19
C ASN D 165 -5.93 1.09 28.99
N LEU D 166 -5.96 2.39 28.69
CA LEU D 166 -7.22 3.10 28.43
C LEU D 166 -7.89 2.47 27.21
N TYR D 167 -9.18 2.22 27.29
CA TYR D 167 -9.91 1.65 26.18
C TYR D 167 -10.23 2.70 25.12
N THR D 168 -10.14 2.28 23.86
CA THR D 168 -10.46 3.14 22.74
C THR D 168 -11.31 2.29 21.81
N ARG D 169 -11.95 2.93 20.83
CA ARG D 169 -12.79 2.22 19.87
C ARG D 169 -12.45 2.66 18.46
N PHE D 170 -12.56 1.74 17.51
CA PHE D 170 -12.28 2.04 16.12
C PHE D 170 -13.01 1.11 15.15
N PHE D 171 -13.18 1.59 13.93
CA PHE D 171 -13.80 0.81 12.86
C PHE D 171 -12.61 0.29 12.06
N TRP D 172 -12.68 -0.97 11.63
CA TRP D 172 -11.59 -1.59 10.87
C TRP D 172 -12.13 -2.30 9.62
N THR D 173 -11.72 -1.83 8.45
CA THR D 173 -12.15 -2.46 7.20
C THR D 173 -10.91 -3.13 6.62
N VAL D 174 -11.04 -4.41 6.32
CA VAL D 174 -9.92 -5.19 5.84
C VAL D 174 -10.36 -6.35 4.95
N ASN D 175 -9.61 -6.64 3.88
CA ASN D 175 -9.99 -7.72 3.01
C ASN D 175 -9.55 -9.06 3.60
N ALA D 176 -10.13 -10.15 3.10
CA ALA D 176 -9.84 -11.50 3.61
C ALA D 176 -8.35 -11.87 3.59
N ARG D 177 -7.64 -11.50 2.52
CA ARG D 177 -6.22 -11.82 2.43
C ARG D 177 -5.45 -11.11 3.56
N SER D 178 -5.70 -9.82 3.70
CA SER D 178 -5.04 -9.04 4.73
C SER D 178 -5.45 -9.57 6.10
N LEU D 179 -6.71 -10.01 6.23
CA LEU D 179 -7.19 -10.55 7.50
C LEU D 179 -6.42 -11.83 7.86
N MET D 180 -6.15 -12.66 6.86
CA MET D 180 -5.41 -13.90 7.10
C MET D 180 -3.97 -13.61 7.49
N ASN D 181 -3.41 -12.51 6.98
CA ASN D 181 -2.05 -12.13 7.33
C ASN D 181 -2.07 -11.69 8.80
N PHE D 182 -3.13 -10.99 9.18
CA PHE D 182 -3.33 -10.53 10.55
C PHE D 182 -3.38 -11.74 11.50
N LEU D 183 -4.12 -12.77 11.10
CA LEU D 183 -4.26 -13.99 11.90
C LEU D 183 -2.96 -14.76 12.05
N ASN D 184 -2.14 -14.73 11.00
CA ASN D 184 -0.86 -15.40 11.03
C ASN D 184 0.04 -14.78 12.08
N LEU D 185 0.02 -13.46 12.17
CA LEU D 185 0.84 -12.72 13.11
C LEU D 185 0.26 -12.55 14.51
N ARG D 186 -1.05 -12.41 14.62
CA ARG D 186 -1.68 -12.19 15.93
C ARG D 186 -2.32 -13.40 16.60
N ALA D 187 -2.77 -14.38 15.82
CA ALA D 187 -3.34 -15.60 16.40
C ALA D 187 -2.14 -16.53 16.57
N ASP D 188 -1.21 -16.13 17.43
CA ASP D 188 0.00 -16.91 17.66
C ASP D 188 0.55 -16.65 19.06
N SER D 189 1.12 -17.69 19.66
CA SER D 189 1.67 -17.61 21.02
C SER D 189 2.75 -16.54 21.22
N HIS D 190 3.40 -16.13 20.13
CA HIS D 190 4.44 -15.11 20.24
C HIS D 190 3.86 -13.71 20.37
N ALA D 191 2.64 -13.52 19.89
CA ALA D 191 1.99 -12.21 19.99
C ALA D 191 1.55 -12.05 21.45
N GLN D 192 1.37 -10.81 21.90
CA GLN D 192 0.95 -10.59 23.27
C GLN D 192 -0.43 -11.21 23.47
N TRP D 193 -0.60 -11.91 24.59
CA TRP D 193 -1.85 -12.58 24.92
C TRP D 193 -3.09 -11.74 24.67
N GLU D 194 -3.07 -10.48 25.10
CA GLU D 194 -4.21 -9.59 24.93
C GLU D 194 -4.72 -9.53 23.49
N ILE D 195 -3.83 -9.34 22.53
CA ILE D 195 -4.28 -9.26 21.13
C ILE D 195 -4.60 -10.65 20.57
N GLN D 196 -4.04 -11.70 21.16
CA GLN D 196 -4.34 -13.06 20.72
C GLN D 196 -5.84 -13.25 20.92
N GLN D 197 -6.35 -12.74 22.05
CA GLN D 197 -7.76 -12.87 22.36
C GLN D 197 -8.62 -12.24 21.28
N TYR D 198 -8.22 -11.05 20.79
CA TYR D 198 -8.98 -10.37 19.74
C TYR D 198 -8.89 -11.15 18.43
N ALA D 199 -7.69 -11.64 18.13
CA ALA D 199 -7.48 -12.40 16.90
C ALA D 199 -8.38 -13.64 16.86
N LEU D 200 -8.60 -14.24 18.03
CA LEU D 200 -9.46 -15.42 18.10
C LEU D 200 -10.87 -15.01 17.70
N ALA D 201 -11.32 -13.88 18.22
CA ALA D 201 -12.64 -13.36 17.91
C ALA D 201 -12.74 -13.07 16.41
N ILE D 202 -11.75 -12.37 15.88
CA ILE D 202 -11.71 -12.03 14.46
C ILE D 202 -11.80 -13.31 13.64
N ALA D 203 -11.02 -14.32 14.02
CA ALA D 203 -11.01 -15.60 13.34
C ALA D 203 -12.39 -16.26 13.37
N ARG D 204 -13.03 -16.22 14.52
CA ARG D 204 -14.35 -16.83 14.70
C ARG D 204 -15.36 -16.24 13.74
N ILE D 205 -15.36 -14.92 13.61
CA ILE D 205 -16.29 -14.26 12.69
C ILE D 205 -15.92 -14.59 11.23
N PHE D 206 -14.63 -14.61 10.94
CA PHE D 206 -14.17 -14.93 9.59
C PHE D 206 -14.67 -16.32 9.22
N LYS D 207 -14.59 -17.25 10.17
CA LYS D 207 -15.03 -18.63 9.94
C LYS D 207 -16.52 -18.67 9.61
N GLU D 208 -17.31 -17.92 10.37
CA GLU D 208 -18.75 -17.86 10.16
C GLU D 208 -19.13 -17.41 8.76
N LYS D 209 -18.47 -16.35 8.28
CA LYS D 209 -18.75 -15.80 6.96
C LYS D 209 -18.09 -16.52 5.79
N CYS D 210 -16.90 -17.09 6.02
CA CYS D 210 -16.17 -17.78 4.96
C CYS D 210 -15.63 -19.14 5.41
N PRO D 211 -16.53 -20.10 5.68
CA PRO D 211 -16.11 -21.43 6.11
C PRO D 211 -15.08 -22.11 5.20
N TRP D 212 -15.36 -22.18 3.91
CA TRP D 212 -14.42 -22.84 2.99
C TRP D 212 -13.06 -22.17 3.04
N THR D 213 -13.05 -20.84 2.86
CA THR D 213 -11.80 -20.10 2.89
C THR D 213 -11.10 -20.28 4.23
N PHE D 214 -11.88 -20.32 5.31
CA PHE D 214 -11.28 -20.48 6.63
C PHE D 214 -10.67 -21.87 6.81
N GLU D 215 -11.43 -22.91 6.49
CA GLU D 215 -10.93 -24.27 6.64
C GLU D 215 -9.67 -24.46 5.80
N ALA D 216 -9.71 -24.00 4.55
CA ALA D 216 -8.54 -24.13 3.70
C ALA D 216 -7.34 -23.38 4.30
N PHE D 217 -7.61 -22.22 4.92
CA PHE D 217 -6.54 -21.42 5.54
C PHE D 217 -5.81 -22.22 6.61
N LEU D 218 -6.55 -22.72 7.61
CA LEU D 218 -5.94 -23.51 8.68
C LEU D 218 -5.17 -24.69 8.11
N LYS D 219 -5.79 -25.37 7.14
CA LYS D 219 -5.18 -26.54 6.51
C LYS D 219 -3.86 -26.31 5.77
N TYR D 220 -3.79 -25.27 4.95
CA TYR D 220 -2.58 -25.06 4.17
C TYR D 220 -1.78 -23.77 4.28
N ALA D 221 -2.38 -22.68 4.76
CA ALA D 221 -1.64 -21.43 4.81
C ALA D 221 -1.34 -20.84 6.19
N TYR D 222 -2.27 -21.02 7.13
CA TYR D 222 -2.11 -20.49 8.47
C TYR D 222 -0.76 -20.88 9.09
N LYS D 223 -0.01 -19.86 9.51
CA LYS D 223 1.32 -20.08 10.09
C LYS D 223 1.36 -20.04 11.61
N GLY D 224 0.26 -19.64 12.26
CA GLY D 224 0.24 -19.56 13.71
C GLY D 224 0.06 -20.88 14.42
N ASP D 225 -0.20 -20.83 15.72
CA ASP D 225 -0.39 -22.06 16.47
C ASP D 225 -1.73 -22.21 17.20
N ILE D 226 -2.15 -21.16 17.89
CA ILE D 226 -3.38 -21.21 18.67
C ILE D 226 -4.70 -21.54 17.98
N LEU D 227 -4.82 -21.28 16.68
CA LEU D 227 -6.07 -21.59 15.99
C LEU D 227 -6.14 -23.09 15.74
N LYS D 228 -5.00 -23.75 15.76
CA LYS D 228 -4.95 -25.18 15.55
C LYS D 228 -5.29 -25.89 16.85
N GLU D 229 -5.22 -25.14 17.96
CA GLU D 229 -5.51 -25.69 19.28
C GLU D 229 -6.91 -25.33 19.80
N VAL D 230 -7.25 -24.05 19.75
CA VAL D 230 -8.56 -23.60 20.22
C VAL D 230 -9.63 -23.86 19.16
#